data_7TUE
#
_entry.id   7TUE
#
_cell.length_a   116.866
_cell.length_b   116.866
_cell.length_c   131.141
_cell.angle_alpha   90.000
_cell.angle_beta   90.000
_cell.angle_gamma   120.000
#
_symmetry.space_group_name_H-M   'P 61'
#
loop_
_entity.id
_entity.type
_entity.pdbx_description
1 polymer 'HLA class I histocompatibility antigen, B alpha chain'
2 polymer Tapasin
3 polymer Beta-2-microglobulin
#
loop_
_entity_poly.entity_id
_entity_poly.type
_entity_poly.pdbx_seq_one_letter_code
_entity_poly.pdbx_strand_id
1 'polypeptide(L)'
;GSHSMRYFYTAMSRPGRGEPRFITVGYVDDTLFVRFDSDATSPRKEPRAPWIEQEGPEYWDRETQISKTNTQCYRENLRT
ALRYYNQSEAGSHIIQRMYGCDVGPDGRLLRGYDQYAYDGKDYIALNEDLSSWTAADTAAQITQRKWEAARVAEQDRAYL
EGLCVESLRRYLENGKETLQRADPPKTHVTHHPISDHEVTLRCWALGFYPAEITLTWQRDGEDQTQDTELVETRPAGDRT
FQKWAAVVVPSGEEQRYTCHVQHEGLPKPLTLRW
;
A
2 'polypeptide(L)'
;GPAVIECWFVEDASGKGLAKRPGALLLRQGPGEPPPRPDLDPELYLSVHDPAGALQAAFRRYPRGAPAPHCEMSRFVPLP
ASAKWASGLTPAQNCPRALDGAWLMVSISSPVLSLSSLLRPQPEPQQEPVLITMATVVLTVLTHTPAPRVRLGQDALLDL
SFAYMPPTSEAASSLAPGPPPFGLEWRRQHLGKGHLLLAATPGLNGQMPAAQEGAVAFAAWDDDEPWGPWTGNGTFWLPR
VQPFQEGTYLATIHLPYLQGQVTLELAVYKPPKVSLMPATLARAAPGEAPPELLCLVSHFYPSGGLEVEWELRGGPGGRS
QKAEGQRWLSALRHHSDGSVSLSGHLQPPPVTTEQHGARYACRIHHPSLPASGRSAEVTLEGGLEVLFQGPGGGLNDIFE
AQKIEWHEGGHHHHHH
;
D
3 'polypeptide(L)'
;MIQRTPKIQVYSRHPAENGKSNFLNCYVSGFHPSDIEVDLLKNGERIEKVEHSDLSFSKDWSFYLLYYTEFTPTEKDEYA
CRVNHVTLSQPKIVKWDRDM
;
B
#
# COMPACT_ATOMS: atom_id res chain seq x y z
N GLY A 1 16.38 -25.88 7.54
CA GLY A 1 15.19 -25.42 6.84
C GLY A 1 15.35 -24.02 6.26
N SER A 2 14.37 -23.60 5.47
CA SER A 2 14.39 -22.26 4.90
C SER A 2 14.20 -21.23 6.00
N HIS A 3 15.21 -20.40 6.21
CA HIS A 3 15.22 -19.46 7.33
C HIS A 3 15.09 -18.03 6.82
N SER A 4 14.97 -17.10 7.78
CA SER A 4 14.85 -15.70 7.47
C SER A 4 15.20 -14.89 8.73
N MET A 5 15.83 -13.75 8.51
CA MET A 5 16.19 -12.82 9.57
C MET A 5 15.73 -11.43 9.15
N ARG A 6 15.04 -10.72 10.05
CA ARG A 6 14.42 -9.46 9.69
C ARG A 6 14.73 -8.37 10.70
N TYR A 7 15.01 -7.17 10.21
CA TYR A 7 15.11 -5.97 11.02
C TYR A 7 14.07 -4.97 10.53
N PHE A 8 13.34 -4.38 11.48
CA PHE A 8 12.21 -3.53 11.18
C PHE A 8 12.48 -2.13 11.72
N TYR A 9 12.39 -1.13 10.85
CA TYR A 9 12.47 0.28 11.21
C TYR A 9 11.11 0.93 11.02
N THR A 10 10.82 1.95 11.82
CA THR A 10 9.56 2.68 11.72
C THR A 10 9.79 4.11 12.17
N ALA A 11 9.67 5.07 11.25
CA ALA A 11 9.79 6.48 11.56
C ALA A 11 8.43 7.15 11.42
N MET A 12 8.23 8.22 12.18
CA MET A 12 6.96 8.93 12.12
C MET A 12 7.14 10.35 12.63
N SER A 13 6.43 11.28 12.02
CA SER A 13 6.39 12.65 12.53
C SER A 13 5.34 12.74 13.63
N ARG A 14 5.61 13.61 14.60
CA ARG A 14 4.66 13.89 15.69
C ARG A 14 4.86 15.33 16.18
N PRO A 15 4.45 16.31 15.37
CA PRO A 15 4.50 17.69 15.84
C PRO A 15 3.55 17.92 17.00
N GLY A 16 3.90 18.87 17.87
CA GLY A 16 3.16 19.12 19.08
C GLY A 16 3.48 18.17 20.23
N ARG A 17 4.05 17.00 19.93
CA ARG A 17 4.45 16.06 20.96
C ARG A 17 5.96 15.78 20.93
N GLY A 18 6.73 16.65 20.28
CA GLY A 18 8.17 16.51 20.23
C GLY A 18 8.74 16.48 18.82
N GLU A 19 9.55 15.47 18.53
CA GLU A 19 10.21 15.28 17.25
C GLU A 19 9.84 13.93 16.67
N PRO A 20 10.01 13.73 15.34
CA PRO A 20 9.71 12.44 14.72
C PRO A 20 10.29 11.23 15.45
N ARG A 21 9.41 10.39 15.98
CA ARG A 21 9.81 9.19 16.69
C ARG A 21 10.34 8.12 15.74
N PHE A 22 11.21 7.25 16.26
CA PHE A 22 11.82 6.17 15.51
C PHE A 22 11.85 4.91 16.37
N ILE A 23 11.53 3.78 15.77
CA ILE A 23 11.46 2.49 16.47
C ILE A 23 12.13 1.43 15.60
N THR A 24 12.77 0.47 16.26
CA THR A 24 13.48 -0.60 15.56
C THR A 24 13.37 -1.89 16.36
N VAL A 25 13.12 -3.00 15.67
CA VAL A 25 13.14 -4.33 16.30
C VAL A 25 13.87 -5.31 15.40
N GLY A 26 14.21 -6.46 15.97
CA GLY A 26 14.87 -7.54 15.25
C GLY A 26 14.24 -8.90 15.53
N TYR A 27 13.97 -9.66 14.47
CA TYR A 27 13.23 -10.91 14.55
C TYR A 27 13.99 -12.04 13.88
N VAL A 28 14.15 -13.14 14.62
CA VAL A 28 14.62 -14.41 14.09
C VAL A 28 13.59 -15.46 14.51
N ASP A 29 13.07 -16.20 13.52
CA ASP A 29 11.89 -17.07 13.73
C ASP A 29 10.75 -16.14 14.17
N ASP A 30 9.88 -16.59 15.06
CA ASP A 30 8.92 -15.71 15.72
C ASP A 30 9.50 -15.10 16.99
N THR A 31 10.82 -15.04 17.11
CA THR A 31 11.50 -14.61 18.32
C THR A 31 12.04 -13.20 18.12
N LEU A 32 11.54 -12.26 18.91
CA LEU A 32 12.08 -10.91 18.99
C LEU A 32 13.34 -10.95 19.85
N PHE A 33 14.50 -10.68 19.24
CA PHE A 33 15.75 -10.76 19.96
C PHE A 33 16.38 -9.41 20.27
N VAL A 34 15.82 -8.32 19.76
CA VAL A 34 16.32 -6.98 20.09
C VAL A 34 15.25 -5.94 19.75
N ARG A 35 15.01 -5.02 20.68
CA ARG A 35 14.07 -3.93 20.49
C ARG A 35 14.82 -2.61 20.43
N PHE A 36 14.08 -1.54 20.17
CA PHE A 36 14.62 -0.18 20.13
C PHE A 36 13.46 0.80 20.10
N ASP A 37 13.68 1.96 20.72
CA ASP A 37 12.67 3.02 20.74
C ASP A 37 13.37 4.33 21.04
N SER A 38 13.10 5.34 20.21
CA SER A 38 13.66 6.67 20.47
C SER A 38 13.00 7.35 21.67
N ASP A 39 11.82 6.90 22.07
CA ASP A 39 11.14 7.41 23.25
C ASP A 39 11.45 6.57 24.49
N ALA A 40 12.74 6.25 24.67
CA ALA A 40 13.20 5.46 25.79
C ALA A 40 14.18 6.28 26.63
N THR A 41 14.29 5.91 27.91
CA THR A 41 15.24 6.58 28.79
C THR A 41 16.67 6.34 28.34
N SER A 42 16.94 5.19 27.72
CA SER A 42 18.26 4.88 27.17
C SER A 42 18.04 4.07 25.89
N PRO A 43 17.83 4.76 24.76
CA PRO A 43 17.55 4.05 23.50
C PRO A 43 18.67 3.12 23.06
N ARG A 44 18.90 2.07 23.83
CA ARG A 44 19.89 1.05 23.52
C ARG A 44 19.22 -0.13 22.83
N LYS A 45 20.00 -0.85 22.02
CA LYS A 45 19.57 -2.15 21.54
C LYS A 45 19.41 -3.07 22.74
N GLU A 46 18.16 -3.31 23.16
CA GLU A 46 18.01 -4.00 24.42
C GLU A 46 17.89 -5.51 24.22
N PRO A 47 18.38 -6.30 25.17
CA PRO A 47 18.26 -7.76 25.05
C PRO A 47 16.85 -8.22 25.30
N ARG A 48 16.40 -9.17 24.48
CA ARG A 48 15.04 -9.69 24.58
C ARG A 48 15.04 -11.21 24.66
N ALA A 49 15.68 -11.87 23.70
CA ALA A 49 15.65 -13.32 23.61
C ALA A 49 16.86 -13.93 24.33
N PRO A 50 16.63 -15.01 25.11
CA PRO A 50 17.71 -15.65 25.88
C PRO A 50 18.63 -16.53 25.03
N TRP A 51 19.16 -15.95 23.96
CA TRP A 51 20.18 -16.62 23.15
C TRP A 51 21.02 -15.56 22.44
N ILE A 52 20.47 -14.37 22.27
CA ILE A 52 21.24 -13.25 21.74
C ILE A 52 22.11 -12.62 22.81
N GLU A 53 21.85 -12.92 24.09
CA GLU A 53 22.55 -12.30 25.21
C GLU A 53 24.00 -12.75 25.34
N GLN A 54 24.48 -13.63 24.45
CA GLN A 54 25.86 -14.09 24.47
C GLN A 54 26.70 -13.52 23.34
N GLU A 55 26.18 -12.50 22.64
CA GLU A 55 26.93 -11.90 21.54
C GLU A 55 27.91 -10.86 22.06
N GLY A 56 28.92 -10.56 21.24
CA GLY A 56 29.92 -9.58 21.57
C GLY A 56 29.32 -8.19 21.72
N PRO A 57 29.81 -7.43 22.70
CA PRO A 57 29.27 -6.08 22.91
C PRO A 57 29.52 -5.13 21.76
N GLU A 58 30.54 -5.42 20.92
CA GLU A 58 30.75 -4.61 19.73
C GLU A 58 29.53 -4.64 18.82
N TYR A 59 28.95 -5.82 18.63
CA TYR A 59 27.72 -5.94 17.85
C TYR A 59 26.62 -5.07 18.43
N TRP A 60 26.41 -5.15 19.74
CA TRP A 60 25.31 -4.41 20.38
C TRP A 60 25.51 -2.90 20.24
N ASP A 61 26.69 -2.40 20.60
CA ASP A 61 26.91 -0.96 20.56
C ASP A 61 26.95 -0.43 19.13
N ARG A 62 27.49 -1.22 18.20
CA ARG A 62 27.50 -0.82 16.80
C ARG A 62 26.09 -0.76 16.23
N GLU A 63 25.25 -1.75 16.55
CA GLU A 63 23.87 -1.72 16.09
C GLU A 63 23.07 -0.59 16.76
N THR A 64 23.43 -0.23 17.99
CA THR A 64 22.75 0.90 18.64
C THR A 64 23.14 2.22 17.99
N GLN A 65 24.43 2.40 17.70
CA GLN A 65 24.85 3.59 16.97
C GLN A 65 24.24 3.62 15.57
N ILE A 66 24.06 2.45 14.96
CA ILE A 66 23.37 2.37 13.68
C ILE A 66 21.90 2.76 13.83
N SER A 67 21.29 2.37 14.95
CA SER A 67 19.91 2.76 15.22
C SER A 67 19.78 4.27 15.32
N LYS A 68 20.71 4.92 16.02
CA LYS A 68 20.65 6.38 16.13
C LYS A 68 20.97 7.05 14.81
N THR A 69 21.92 6.49 14.05
CA THR A 69 22.23 7.03 12.73
C THR A 69 21.03 6.94 11.81
N ASN A 70 20.32 5.81 11.84
CA ASN A 70 19.10 5.67 11.05
C ASN A 70 18.00 6.57 11.57
N THR A 71 17.94 6.81 12.88
CA THR A 71 17.00 7.80 13.41
C THR A 71 17.23 9.16 12.77
N GLN A 72 18.48 9.61 12.76
CA GLN A 72 18.79 10.91 12.14
C GLN A 72 18.50 10.89 10.64
N CYS A 73 18.97 9.86 9.94
CA CYS A 73 18.84 9.83 8.49
C CYS A 73 17.38 9.72 8.06
N TYR A 74 16.56 8.98 8.81
CA TYR A 74 15.16 8.85 8.45
C TYR A 74 14.30 9.98 8.99
N ARG A 75 14.78 10.74 9.98
CA ARG A 75 14.18 12.03 10.23
C ARG A 75 14.40 12.96 9.04
N GLU A 76 15.63 12.97 8.50
CA GLU A 76 15.88 13.72 7.28
C GLU A 76 15.05 13.20 6.11
N ASN A 77 14.80 11.89 6.08
CA ASN A 77 13.99 11.31 5.01
C ASN A 77 12.52 11.68 5.16
N LEU A 78 12.00 11.67 6.39
CA LEU A 78 10.67 12.21 6.65
C LEU A 78 10.58 13.66 6.20
N ARG A 79 11.63 14.44 6.47
CA ARG A 79 11.67 15.82 6.01
C ARG A 79 11.56 15.91 4.49
N THR A 80 12.48 15.23 3.79
CA THR A 80 12.50 15.32 2.33
C THR A 80 11.23 14.76 1.71
N ALA A 81 10.57 13.82 2.40
CA ALA A 81 9.27 13.35 1.93
C ALA A 81 8.22 14.44 2.09
N LEU A 82 8.04 14.95 3.31
CA LEU A 82 7.08 15.99 3.58
C LEU A 82 7.29 17.22 2.70
N ARG A 83 8.51 17.43 2.20
CA ARG A 83 8.79 18.62 1.40
C ARG A 83 8.08 18.56 0.06
N TYR A 84 8.32 17.52 -0.74
CA TYR A 84 7.68 17.39 -2.04
C TYR A 84 6.63 16.29 -2.07
N TYR A 85 5.82 16.20 -1.01
CA TYR A 85 4.66 15.33 -0.99
C TYR A 85 3.34 16.09 -0.85
N ASN A 86 3.40 17.42 -0.82
CA ASN A 86 2.20 18.27 -0.72
C ASN A 86 1.38 17.92 0.53
N GLN A 87 2.06 18.00 1.67
CA GLN A 87 1.44 17.68 2.95
C GLN A 87 1.87 18.71 3.99
N SER A 88 1.19 18.69 5.13
CA SER A 88 1.34 19.72 6.15
C SER A 88 2.18 19.22 7.32
N GLU A 89 2.72 20.19 8.07
CA GLU A 89 3.39 19.91 9.32
C GLU A 89 2.45 19.93 10.51
N ALA A 90 1.16 20.22 10.29
CA ALA A 90 0.17 20.06 11.34
C ALA A 90 -0.30 18.62 11.45
N GLY A 91 -0.21 17.86 10.36
CA GLY A 91 -0.52 16.45 10.38
C GLY A 91 0.72 15.60 10.59
N SER A 92 0.51 14.29 10.62
CA SER A 92 1.58 13.33 10.88
C SER A 92 1.42 12.12 9.97
N HIS A 93 2.47 11.80 9.23
CA HIS A 93 2.48 10.67 8.31
C HIS A 93 3.62 9.73 8.69
N ILE A 94 3.32 8.43 8.71
CA ILE A 94 4.25 7.41 9.18
C ILE A 94 4.89 6.72 8.00
N ILE A 95 6.17 6.39 8.13
CA ILE A 95 6.91 5.59 7.16
C ILE A 95 7.47 4.38 7.89
N GLN A 96 7.48 3.23 7.21
CA GLN A 96 7.99 2.00 7.79
C GLN A 96 8.90 1.30 6.79
N ARG A 97 9.76 0.44 7.31
CA ARG A 97 10.73 -0.28 6.48
C ARG A 97 11.00 -1.63 7.12
N MET A 98 11.12 -2.65 6.28
CA MET A 98 11.51 -3.98 6.70
C MET A 98 12.60 -4.50 5.78
N TYR A 99 13.71 -4.95 6.36
CA TYR A 99 14.78 -5.49 5.53
C TYR A 99 15.43 -6.68 6.23
N GLY A 100 15.77 -7.69 5.45
CA GLY A 100 16.37 -8.89 6.00
C GLY A 100 16.70 -9.88 4.91
N CYS A 101 17.16 -11.05 5.34
CA CYS A 101 17.62 -12.09 4.43
C CYS A 101 16.75 -13.33 4.55
N ASP A 102 16.45 -13.94 3.40
CA ASP A 102 15.73 -15.20 3.32
C ASP A 102 16.65 -16.24 2.68
N VAL A 103 16.81 -17.38 3.35
CA VAL A 103 17.70 -18.44 2.92
C VAL A 103 16.90 -19.74 2.81
N GLY A 104 17.45 -20.68 2.05
CA GLY A 104 16.81 -21.95 1.80
C GLY A 104 17.09 -22.97 2.89
N PRO A 105 16.86 -24.26 2.58
CA PRO A 105 17.00 -25.30 3.62
C PRO A 105 18.42 -25.51 4.09
N ASP A 106 19.42 -25.17 3.28
CA ASP A 106 20.82 -25.35 3.64
C ASP A 106 21.48 -24.07 4.13
N GLY A 107 20.69 -23.07 4.51
CA GLY A 107 21.21 -21.78 4.85
C GLY A 107 21.65 -20.94 3.67
N ARG A 108 21.67 -21.51 2.46
CA ARG A 108 22.00 -20.75 1.27
C ARG A 108 20.93 -19.69 1.02
N LEU A 109 21.38 -18.45 0.77
CA LEU A 109 20.46 -17.32 0.66
C LEU A 109 19.52 -17.49 -0.53
N LEU A 110 18.22 -17.33 -0.27
CA LEU A 110 17.26 -17.20 -1.36
C LEU A 110 17.31 -15.79 -1.94
N ARG A 111 17.07 -14.78 -1.09
CA ARG A 111 17.20 -13.39 -1.49
C ARG A 111 17.20 -12.47 -0.28
N GLY A 112 16.96 -11.18 -0.52
CA GLY A 112 16.92 -10.22 0.56
C GLY A 112 15.84 -9.18 0.40
N TYR A 113 14.91 -9.14 1.36
CA TYR A 113 13.88 -8.12 1.34
C TYR A 113 14.43 -6.80 1.86
N ASP A 114 13.94 -5.70 1.28
CA ASP A 114 14.31 -4.37 1.72
C ASP A 114 13.25 -3.39 1.23
N GLN A 115 12.08 -3.41 1.87
CA GLN A 115 10.90 -2.72 1.35
C GLN A 115 10.42 -1.66 2.33
N TYR A 116 9.95 -0.55 1.78
CA TYR A 116 9.36 0.55 2.54
C TYR A 116 7.84 0.54 2.41
N ALA A 117 7.21 1.42 3.18
CA ALA A 117 5.77 1.62 3.14
C ALA A 117 5.47 2.99 3.71
N TYR A 118 4.48 3.68 3.11
CA TYR A 118 4.15 5.05 3.49
C TYR A 118 2.65 5.17 3.71
N ASP A 119 2.27 5.51 4.94
CA ASP A 119 0.87 5.75 5.30
C ASP A 119 0.00 4.54 4.95
N GLY A 120 0.50 3.35 5.26
CA GLY A 120 -0.14 2.09 4.88
C GLY A 120 0.07 1.69 3.44
N LYS A 121 0.05 2.65 2.53
CA LYS A 121 0.32 2.39 1.13
C LYS A 121 1.79 2.02 0.95
N ASP A 122 2.06 1.08 0.04
CA ASP A 122 3.42 0.65 -0.20
C ASP A 122 4.22 1.74 -0.91
N TYR A 123 5.54 1.65 -0.78
CA TYR A 123 6.43 2.70 -1.27
C TYR A 123 7.38 2.16 -2.33
N ILE A 124 8.39 1.41 -1.92
CA ILE A 124 9.44 0.92 -2.82
C ILE A 124 9.93 -0.42 -2.27
N ALA A 125 10.53 -1.22 -3.16
CA ALA A 125 11.01 -2.54 -2.79
C ALA A 125 12.14 -2.96 -3.72
N LEU A 126 12.92 -3.93 -3.25
CA LEU A 126 14.04 -4.49 -3.99
C LEU A 126 13.66 -5.88 -4.50
N ASN A 127 14.07 -6.18 -5.73
CA ASN A 127 13.70 -7.43 -6.37
C ASN A 127 14.61 -8.57 -5.91
N GLU A 128 14.32 -9.78 -6.39
CA GLU A 128 15.07 -10.95 -5.97
C GLU A 128 16.47 -10.97 -6.58
N ASP A 129 16.58 -10.66 -7.88
CA ASP A 129 17.88 -10.63 -8.54
C ASP A 129 18.81 -9.55 -8.01
N LEU A 130 18.34 -8.69 -7.10
CA LEU A 130 19.17 -7.67 -6.47
C LEU A 130 19.82 -6.74 -7.50
N SER A 131 19.14 -6.53 -8.63
CA SER A 131 19.67 -5.68 -9.69
C SER A 131 18.60 -4.77 -10.28
N SER A 132 17.48 -4.57 -9.59
CA SER A 132 16.41 -3.72 -10.05
C SER A 132 15.54 -3.34 -8.87
N TRP A 133 14.70 -2.32 -9.08
CA TRP A 133 13.83 -1.80 -8.04
C TRP A 133 12.37 -1.83 -8.50
N THR A 134 11.47 -1.77 -7.53
CA THR A 134 10.03 -1.73 -7.79
C THR A 134 9.44 -0.57 -7.01
N ALA A 135 8.91 0.42 -7.72
CA ALA A 135 8.39 1.64 -7.12
C ALA A 135 6.86 1.64 -7.15
N ALA A 136 6.27 2.75 -6.74
CA ALA A 136 4.82 2.90 -6.65
C ALA A 136 4.28 4.04 -7.49
N ASP A 137 4.84 5.25 -7.34
CA ASP A 137 4.36 6.40 -8.09
C ASP A 137 5.46 7.45 -8.16
N THR A 138 5.09 8.63 -8.69
CA THR A 138 6.00 9.69 -9.11
C THR A 138 7.08 10.03 -8.08
N ALA A 139 6.72 10.13 -6.81
CA ALA A 139 7.72 10.47 -5.80
C ALA A 139 8.58 9.26 -5.43
N ALA A 140 7.95 8.11 -5.24
CA ALA A 140 8.71 6.86 -5.14
C ALA A 140 9.57 6.66 -6.38
N GLN A 141 9.14 7.20 -7.52
CA GLN A 141 9.98 7.17 -8.72
C GLN A 141 11.21 8.05 -8.54
N ILE A 142 11.07 9.19 -7.88
CA ILE A 142 12.23 10.03 -7.57
C ILE A 142 13.20 9.30 -6.66
N THR A 143 12.67 8.64 -5.63
CA THR A 143 13.55 7.88 -4.73
C THR A 143 14.20 6.69 -5.44
N GLN A 144 13.47 6.06 -6.37
CA GLN A 144 14.04 4.97 -7.15
C GLN A 144 15.13 5.46 -8.09
N ARG A 145 14.98 6.68 -8.63
CA ARG A 145 16.06 7.25 -9.43
C ARG A 145 17.26 7.60 -8.57
N LYS A 146 17.02 8.07 -7.34
CA LYS A 146 18.11 8.37 -6.42
C LYS A 146 18.90 7.12 -6.08
N TRP A 147 18.21 6.05 -5.69
CA TRP A 147 18.88 4.83 -5.26
C TRP A 147 19.25 3.92 -6.44
N GLU A 148 18.82 4.25 -7.66
CA GLU A 148 19.29 3.59 -8.87
C GLU A 148 20.54 4.24 -9.42
N ALA A 149 20.79 5.50 -9.06
CA ALA A 149 22.10 6.11 -9.19
C ALA A 149 22.94 5.93 -7.95
N ALA A 150 22.59 4.95 -7.11
CA ALA A 150 23.30 4.75 -5.85
C ALA A 150 23.34 3.28 -5.43
N ARG A 151 22.93 2.33 -6.28
CA ARG A 151 23.01 0.88 -6.09
C ARG A 151 22.94 0.42 -4.64
N VAL A 152 21.80 0.64 -3.97
CA VAL A 152 21.57 -0.04 -2.71
C VAL A 152 21.32 -1.53 -2.96
N ALA A 153 20.92 -1.88 -4.18
CA ALA A 153 20.68 -3.28 -4.54
C ALA A 153 21.95 -4.10 -4.41
N GLU A 154 23.00 -3.72 -5.15
CA GLU A 154 24.26 -4.45 -5.07
C GLU A 154 24.90 -4.32 -3.69
N GLN A 155 24.68 -3.20 -3.01
CA GLN A 155 25.14 -3.05 -1.63
C GLN A 155 24.58 -4.16 -0.75
N ASP A 156 23.25 -4.29 -0.72
CA ASP A 156 22.63 -5.34 0.07
C ASP A 156 22.96 -6.73 -0.47
N ARG A 157 23.22 -6.84 -1.77
CA ARG A 157 23.61 -8.13 -2.34
C ARG A 157 24.92 -8.62 -1.76
N ALA A 158 25.97 -7.79 -1.86
CA ALA A 158 27.26 -8.15 -1.26
C ALA A 158 27.20 -8.14 0.26
N TYR A 159 26.21 -7.46 0.85
CA TYR A 159 26.07 -7.44 2.29
C TYR A 159 25.54 -8.78 2.81
N LEU A 160 24.47 -9.28 2.18
CA LEU A 160 23.93 -10.59 2.56
C LEU A 160 24.83 -11.73 2.13
N GLU A 161 25.76 -11.47 1.20
CA GLU A 161 26.77 -12.45 0.82
C GLU A 161 27.89 -12.56 1.84
N GLY A 162 27.75 -11.92 3.00
CA GLY A 162 28.80 -11.96 4.01
C GLY A 162 28.31 -11.79 5.43
N LEU A 163 27.44 -10.79 5.66
CA LEU A 163 27.03 -10.47 7.02
C LEU A 163 25.78 -11.23 7.46
N CYS A 164 24.70 -11.16 6.67
CA CYS A 164 23.45 -11.78 7.08
C CYS A 164 23.59 -13.29 7.17
N VAL A 165 24.41 -13.91 6.30
CA VAL A 165 24.60 -15.36 6.35
C VAL A 165 25.27 -15.76 7.66
N GLU A 166 26.37 -15.08 8.00
CA GLU A 166 27.07 -15.38 9.26
C GLU A 166 26.16 -15.14 10.45
N SER A 167 25.42 -14.03 10.44
CA SER A 167 24.55 -13.71 11.57
C SER A 167 23.44 -14.75 11.73
N LEU A 168 22.82 -15.15 10.62
CA LEU A 168 21.73 -16.12 10.69
C LEU A 168 22.23 -17.49 11.12
N ARG A 169 23.41 -17.91 10.63
CA ARG A 169 23.96 -19.19 11.07
C ARG A 169 24.35 -19.16 12.54
N ARG A 170 24.91 -18.03 13.00
CA ARG A 170 25.25 -17.92 14.42
C ARG A 170 24.00 -17.93 15.28
N TYR A 171 22.90 -17.34 14.80
CA TYR A 171 21.66 -17.37 15.57
C TYR A 171 21.02 -18.75 15.54
N LEU A 172 21.22 -19.49 14.44
CA LEU A 172 20.82 -20.90 14.43
C LEU A 172 21.61 -21.69 15.46
N GLU A 173 22.90 -21.38 15.61
CA GLU A 173 23.69 -22.01 16.67
C GLU A 173 23.20 -21.62 18.05
N ASN A 174 22.70 -20.39 18.21
CA ASN A 174 22.20 -19.94 19.50
C ASN A 174 20.91 -20.63 19.92
N GLY A 175 20.23 -21.31 19.01
CA GLY A 175 19.00 -21.99 19.35
C GLY A 175 18.56 -23.02 18.34
N LYS A 176 18.96 -24.27 18.55
CA LYS A 176 18.60 -25.37 17.67
C LYS A 176 17.31 -26.07 18.10
N GLU A 177 16.47 -25.38 18.88
CA GLU A 177 15.17 -25.91 19.27
C GLU A 177 14.08 -25.58 18.27
N THR A 178 14.42 -24.89 17.17
CA THR A 178 13.45 -24.56 16.14
C THR A 178 14.20 -24.34 14.83
N LEU A 179 13.74 -25.00 13.77
CA LEU A 179 14.28 -24.83 12.43
C LEU A 179 13.29 -24.11 11.51
N GLN A 180 12.44 -23.27 12.10
CA GLN A 180 11.38 -22.56 11.38
C GLN A 180 11.57 -21.06 11.60
N ARG A 181 12.02 -20.37 10.55
CA ARG A 181 12.17 -18.92 10.58
C ARG A 181 11.25 -18.23 9.59
N ALA A 182 11.20 -18.69 8.35
CA ALA A 182 10.17 -18.25 7.42
C ALA A 182 8.81 -18.60 8.02
N ASP A 183 8.23 -17.67 8.74
CA ASP A 183 7.13 -17.98 9.66
C ASP A 183 5.85 -18.35 8.92
N PRO A 184 5.29 -19.53 9.16
CA PRO A 184 3.90 -19.78 8.78
C PRO A 184 2.97 -19.01 9.70
N PRO A 185 1.72 -18.79 9.30
CA PRO A 185 0.80 -18.04 10.15
C PRO A 185 0.33 -18.87 11.34
N LYS A 186 -0.21 -18.16 12.32
CA LYS A 186 -0.91 -18.75 13.46
C LYS A 186 -2.37 -18.33 13.36
N THR A 187 -3.27 -19.29 13.28
CA THR A 187 -4.61 -19.04 12.78
C THR A 187 -5.68 -19.36 13.82
N HIS A 188 -6.83 -18.76 13.62
CA HIS A 188 -8.04 -19.08 14.36
C HIS A 188 -9.23 -18.52 13.58
N VAL A 189 -10.41 -18.55 14.19
CA VAL A 189 -11.63 -18.05 13.58
C VAL A 189 -12.38 -17.21 14.60
N THR A 190 -12.83 -16.03 14.18
CA THR A 190 -13.65 -15.16 15.01
C THR A 190 -15.11 -15.27 14.58
N HIS A 191 -16.00 -15.33 15.57
CA HIS A 191 -17.43 -15.29 15.38
C HIS A 191 -17.95 -13.90 15.72
N HIS A 192 -18.78 -13.34 14.84
CA HIS A 192 -19.41 -12.06 15.07
C HIS A 192 -20.93 -12.21 14.99
N PRO A 193 -21.64 -11.60 15.94
CA PRO A 193 -23.06 -11.94 16.15
C PRO A 193 -23.96 -11.33 15.08
N ILE A 194 -24.78 -12.18 14.47
CA ILE A 194 -25.96 -11.74 13.74
C ILE A 194 -27.16 -12.39 14.40
N SER A 195 -27.05 -12.58 15.72
CA SER A 195 -28.03 -13.30 16.54
C SER A 195 -28.26 -14.73 16.07
N ASP A 196 -29.49 -15.21 16.24
CA ASP A 196 -29.83 -16.59 15.98
C ASP A 196 -29.88 -16.94 14.50
N HIS A 197 -30.10 -15.94 13.64
CA HIS A 197 -30.45 -16.23 12.25
C HIS A 197 -29.24 -16.30 11.31
N GLU A 198 -28.14 -15.63 11.65
CA GLU A 198 -26.97 -15.62 10.79
C GLU A 198 -25.72 -15.42 11.64
N VAL A 199 -24.55 -15.45 11.02
CA VAL A 199 -23.30 -15.25 11.72
C VAL A 199 -22.26 -14.66 10.76
N THR A 200 -21.32 -13.91 11.31
CA THR A 200 -20.12 -13.50 10.58
C THR A 200 -18.95 -14.37 11.03
N LEU A 201 -18.27 -14.98 10.08
CA LEU A 201 -17.12 -15.81 10.38
C LEU A 201 -15.88 -15.22 9.71
N ARG A 202 -14.82 -15.04 10.49
CA ARG A 202 -13.56 -14.51 9.99
C ARG A 202 -12.45 -15.52 10.24
N CYS A 203 -11.78 -15.94 9.17
CA CYS A 203 -10.59 -16.78 9.27
C CYS A 203 -9.38 -15.86 9.42
N TRP A 204 -8.79 -15.84 10.61
CA TRP A 204 -7.64 -15.01 10.93
C TRP A 204 -6.36 -15.82 10.86
N ALA A 205 -5.33 -15.24 10.23
CA ALA A 205 -3.99 -15.80 10.20
C ALA A 205 -3.02 -14.67 10.53
N LEU A 206 -2.37 -14.77 11.69
CA LEU A 206 -1.46 -13.73 12.16
C LEU A 206 -0.08 -14.31 12.42
N GLY A 207 0.72 -13.61 13.23
CA GLY A 207 1.98 -14.14 13.72
C GLY A 207 3.10 -14.29 12.70
N PHE A 208 2.75 -14.52 11.43
CA PHE A 208 3.75 -14.82 10.42
C PHE A 208 4.60 -13.59 10.10
N TYR A 209 5.53 -13.76 9.17
CA TYR A 209 6.53 -12.74 8.88
C TYR A 209 6.42 -12.17 7.47
N PRO A 210 6.23 -12.99 6.40
CA PRO A 210 6.12 -12.39 5.07
C PRO A 210 4.82 -11.63 4.85
N ALA A 211 4.46 -11.41 3.59
CA ALA A 211 3.25 -10.68 3.26
C ALA A 211 2.45 -11.34 2.14
N GLU A 212 3.11 -11.90 1.13
CA GLU A 212 2.43 -12.56 0.03
C GLU A 212 1.94 -13.93 0.49
N ILE A 213 0.66 -14.00 0.85
CA ILE A 213 0.00 -15.25 1.23
C ILE A 213 -1.35 -15.27 0.57
N THR A 214 -1.63 -16.28 -0.25
CA THR A 214 -2.88 -16.34 -0.99
C THR A 214 -3.93 -16.97 -0.10
N LEU A 215 -4.86 -16.15 0.39
CA LEU A 215 -5.93 -16.58 1.27
C LEU A 215 -7.21 -16.67 0.46
N THR A 216 -7.79 -17.86 0.37
CA THR A 216 -9.00 -18.06 -0.42
C THR A 216 -10.07 -18.74 0.42
N TRP A 217 -11.29 -18.73 -0.11
CA TRP A 217 -12.43 -19.43 0.48
C TRP A 217 -13.08 -20.29 -0.58
N GLN A 218 -13.44 -21.51 -0.19
CA GLN A 218 -14.05 -22.45 -1.13
C GLN A 218 -15.33 -23.02 -0.53
N ARG A 219 -16.42 -22.93 -1.28
CA ARG A 219 -17.70 -23.52 -0.89
C ARG A 219 -17.78 -24.93 -1.48
N ASP A 220 -17.87 -25.93 -0.62
CA ASP A 220 -17.76 -27.34 -1.03
C ASP A 220 -16.47 -27.55 -1.81
N GLY A 221 -16.48 -27.17 -3.08
CA GLY A 221 -15.29 -27.15 -3.90
C GLY A 221 -15.30 -25.96 -4.83
N GLU A 222 -16.29 -25.10 -4.67
CA GLU A 222 -16.48 -23.92 -5.50
C GLU A 222 -15.84 -22.70 -4.85
N ASP A 223 -15.02 -21.99 -5.62
CA ASP A 223 -14.37 -20.78 -5.14
C ASP A 223 -15.37 -19.63 -5.18
N GLN A 224 -15.73 -19.11 -4.01
CA GLN A 224 -16.69 -18.01 -3.90
C GLN A 224 -15.98 -16.81 -3.27
N THR A 225 -15.64 -15.82 -4.10
CA THR A 225 -14.96 -14.62 -3.64
C THR A 225 -15.84 -13.39 -3.64
N GLN A 226 -17.08 -13.50 -4.14
CA GLN A 226 -17.94 -12.33 -4.26
C GLN A 226 -18.40 -11.81 -2.90
N ASP A 227 -18.54 -12.68 -1.91
CA ASP A 227 -19.09 -12.31 -0.62
C ASP A 227 -18.03 -12.22 0.47
N THR A 228 -16.75 -12.29 0.12
CA THR A 228 -15.66 -12.40 1.08
C THR A 228 -14.90 -11.08 1.18
N GLU A 229 -14.46 -10.75 2.41
CA GLU A 229 -13.63 -9.58 2.66
C GLU A 229 -12.19 -10.05 2.83
N LEU A 230 -11.39 -9.93 1.78
CA LEU A 230 -9.97 -10.28 1.81
C LEU A 230 -9.17 -8.98 1.85
N VAL A 231 -9.05 -8.41 3.04
CA VAL A 231 -8.31 -7.16 3.19
C VAL A 231 -6.82 -7.43 3.13
N GLU A 232 -6.06 -6.37 2.81
CA GLU A 232 -4.62 -6.51 2.63
C GLU A 232 -3.94 -6.99 3.91
N THR A 233 -2.80 -7.64 3.73
CA THR A 233 -1.98 -8.07 4.85
C THR A 233 -1.55 -6.88 5.69
N ARG A 234 -2.17 -6.72 6.86
CA ARG A 234 -1.84 -5.66 7.79
C ARG A 234 -1.09 -6.23 8.97
N PRO A 235 0.16 -5.83 9.21
CA PRO A 235 0.89 -6.32 10.39
C PRO A 235 0.19 -5.91 11.68
N ALA A 236 0.72 -6.44 12.78
CA ALA A 236 0.12 -6.22 14.09
C ALA A 236 0.63 -4.97 14.78
N GLY A 237 1.88 -4.59 14.53
CA GLY A 237 2.55 -3.54 15.26
C GLY A 237 3.73 -4.06 16.05
N ASP A 238 3.64 -5.29 16.57
CA ASP A 238 4.77 -5.99 17.14
C ASP A 238 5.50 -6.84 16.10
N ARG A 239 5.34 -6.51 14.82
CA ARG A 239 6.06 -7.14 13.72
C ARG A 239 5.68 -8.60 13.53
N THR A 240 4.46 -8.95 13.89
CA THR A 240 3.86 -10.26 13.58
C THR A 240 2.73 -10.00 12.59
N PHE A 241 3.04 -10.18 11.30
CA PHE A 241 2.10 -9.84 10.24
C PHE A 241 0.79 -10.58 10.41
N GLN A 242 -0.30 -9.91 10.03
CA GLN A 242 -1.65 -10.44 10.22
C GLN A 242 -2.45 -10.30 8.94
N LYS A 243 -3.58 -11.01 8.91
CA LYS A 243 -4.54 -10.97 7.82
C LYS A 243 -5.75 -11.78 8.25
N TRP A 244 -6.89 -11.54 7.59
CA TRP A 244 -8.03 -12.43 7.75
C TRP A 244 -8.97 -12.26 6.58
N ALA A 245 -9.91 -13.19 6.46
CA ALA A 245 -10.96 -13.12 5.44
C ALA A 245 -12.29 -13.55 6.06
N ALA A 246 -13.33 -12.75 5.89
CA ALA A 246 -14.59 -12.97 6.58
C ALA A 246 -15.75 -13.09 5.61
N VAL A 247 -16.90 -13.48 6.18
CA VAL A 247 -18.17 -13.55 5.48
C VAL A 247 -19.32 -13.39 6.48
N VAL A 248 -20.28 -12.53 6.16
CA VAL A 248 -21.60 -12.57 6.80
C VAL A 248 -22.40 -13.62 6.04
N VAL A 249 -22.57 -14.80 6.62
CA VAL A 249 -23.37 -15.83 5.97
C VAL A 249 -24.53 -16.16 6.90
N PRO A 250 -25.63 -16.67 6.35
CA PRO A 250 -26.70 -17.16 7.21
C PRO A 250 -26.23 -18.27 8.13
N SER A 251 -26.98 -18.48 9.21
CA SER A 251 -26.62 -19.49 10.21
C SER A 251 -26.88 -20.86 9.63
N GLY A 252 -25.93 -21.33 8.82
CA GLY A 252 -26.05 -22.64 8.20
C GLY A 252 -25.01 -22.91 7.14
N GLU A 253 -24.94 -22.05 6.12
CA GLU A 253 -24.02 -22.25 5.01
C GLU A 253 -22.56 -22.09 5.41
N GLU A 254 -22.28 -21.63 6.63
CA GLU A 254 -20.91 -21.39 7.07
C GLU A 254 -20.04 -22.63 6.92
N GLN A 255 -20.61 -23.82 7.10
CA GLN A 255 -19.83 -25.05 7.01
C GLN A 255 -19.32 -25.28 5.59
N ARG A 256 -20.08 -24.86 4.58
CA ARG A 256 -19.66 -25.10 3.21
C ARG A 256 -18.42 -24.30 2.86
N TYR A 257 -18.25 -23.12 3.47
CA TYR A 257 -17.08 -22.30 3.21
C TYR A 257 -15.89 -22.82 4.02
N THR A 258 -14.74 -22.96 3.36
CA THR A 258 -13.50 -23.40 3.99
C THR A 258 -12.40 -22.41 3.66
N CYS A 259 -11.56 -22.11 4.65
CA CYS A 259 -10.43 -21.22 4.49
C CYS A 259 -9.27 -21.97 3.86
N HIS A 260 -8.46 -21.26 3.07
CA HIS A 260 -7.32 -21.88 2.40
C HIS A 260 -6.14 -20.92 2.42
N VAL A 261 -5.00 -21.41 2.90
CA VAL A 261 -3.79 -20.61 3.08
C VAL A 261 -2.72 -21.16 2.15
N GLN A 262 -2.28 -20.35 1.19
CA GLN A 262 -1.11 -20.66 0.38
C GLN A 262 0.05 -19.80 0.85
N HIS A 263 1.13 -20.44 1.28
CA HIS A 263 2.29 -19.79 1.87
C HIS A 263 3.46 -20.76 1.77
N GLU A 264 4.67 -20.21 1.85
CA GLU A 264 5.86 -21.05 1.87
C GLU A 264 6.36 -21.34 3.29
N GLY A 265 6.01 -20.49 4.26
CA GLY A 265 6.25 -20.85 5.65
C GLY A 265 5.44 -22.06 6.06
N LEU A 266 4.15 -22.03 5.78
CA LEU A 266 3.35 -23.25 5.90
C LEU A 266 3.81 -24.24 4.84
N PRO A 267 4.07 -25.50 5.20
CA PRO A 267 4.58 -26.46 4.21
C PRO A 267 3.65 -26.73 3.05
N LYS A 268 2.42 -26.22 3.06
CA LYS A 268 1.48 -26.49 1.99
C LYS A 268 0.31 -25.51 2.10
N PRO A 269 -0.44 -25.31 1.01
CA PRO A 269 -1.70 -24.58 1.12
C PRO A 269 -2.69 -25.31 2.03
N LEU A 270 -2.69 -24.99 3.31
CA LEU A 270 -3.50 -25.73 4.26
C LEU A 270 -4.95 -25.30 4.24
N THR A 271 -5.83 -26.25 4.52
CA THR A 271 -7.25 -25.98 4.66
C THR A 271 -7.60 -25.73 6.12
N LEU A 272 -8.50 -24.79 6.35
CA LEU A 272 -8.74 -24.26 7.69
C LEU A 272 -10.24 -24.13 7.95
N ARG A 273 -10.63 -24.52 9.17
CA ARG A 273 -11.98 -24.30 9.69
C ARG A 273 -11.88 -24.38 11.21
N TRP A 274 -11.73 -23.23 11.86
CA TRP A 274 -11.52 -23.20 13.31
C TRP A 274 -12.61 -22.40 14.01
N GLY B 1 -4.48 18.82 -25.73
CA GLY B 1 -4.11 19.11 -24.36
C GLY B 1 -4.03 20.59 -24.06
N PRO B 2 -3.69 20.94 -22.82
CA PRO B 2 -3.51 22.35 -22.47
C PRO B 2 -2.38 22.97 -23.27
N ALA B 3 -2.45 24.29 -23.45
CA ALA B 3 -1.44 25.00 -24.22
C ALA B 3 -0.08 24.92 -23.54
N VAL B 4 0.00 25.33 -22.28
CA VAL B 4 1.23 25.27 -21.50
C VAL B 4 1.09 24.18 -20.45
N ILE B 5 2.22 23.63 -20.04
CA ILE B 5 2.28 22.60 -19.00
C ILE B 5 3.21 23.13 -17.92
N GLU B 6 2.64 23.69 -16.85
CA GLU B 6 3.46 24.14 -15.74
C GLU B 6 4.00 22.94 -14.96
N CYS B 7 5.12 23.13 -14.30
CA CYS B 7 5.87 22.01 -13.77
C CYS B 7 6.79 22.48 -12.65
N TRP B 8 7.26 21.53 -11.86
CA TRP B 8 8.22 21.77 -10.80
C TRP B 8 9.55 21.10 -11.13
N PHE B 9 10.60 21.54 -10.44
CA PHE B 9 11.96 21.12 -10.72
C PHE B 9 12.72 20.92 -9.41
N VAL B 10 13.17 19.69 -9.19
CA VAL B 10 14.10 19.37 -8.11
C VAL B 10 14.89 18.14 -8.55
N GLU B 11 16.15 18.08 -8.13
CA GLU B 11 17.02 16.94 -8.42
C GLU B 11 17.14 16.69 -9.92
N LYS B 20 11.72 23.79 -4.19
CA LYS B 20 11.47 23.44 -5.59
C LYS B 20 11.58 24.66 -6.49
N ARG B 21 11.67 24.42 -7.79
CA ARG B 21 11.82 25.50 -8.77
C ARG B 21 10.70 25.43 -9.80
N PRO B 22 9.94 26.50 -10.00
CA PRO B 22 8.85 26.45 -10.97
C PRO B 22 9.35 26.63 -12.40
N GLY B 23 8.65 25.98 -13.33
CA GLY B 23 8.96 26.09 -14.73
C GLY B 23 7.76 25.72 -15.58
N ALA B 24 7.97 25.68 -16.89
CA ALA B 24 6.88 25.38 -17.80
C ALA B 24 7.42 24.79 -19.09
N LEU B 25 6.57 24.00 -19.75
CA LEU B 25 6.83 23.41 -21.05
C LEU B 25 5.79 23.90 -22.05
N LEU B 26 6.23 24.23 -23.26
CA LEU B 26 5.36 24.70 -24.33
C LEU B 26 5.40 23.68 -25.45
N LEU B 27 4.23 23.13 -25.79
CA LEU B 27 4.13 22.11 -26.82
C LEU B 27 4.41 22.69 -28.21
N PRO B 34 4.65 33.93 -27.57
CA PRO B 34 4.36 33.42 -26.23
C PRO B 34 4.19 34.54 -25.20
N PRO B 35 3.42 34.28 -24.14
CA PRO B 35 3.22 35.30 -23.12
C PRO B 35 4.51 35.60 -22.39
N PRO B 36 4.65 36.80 -21.82
CA PRO B 36 5.92 37.15 -21.15
C PRO B 36 6.05 36.46 -19.79
N ARG B 37 7.22 35.88 -19.54
CA ARG B 37 7.53 35.23 -18.27
C ARG B 37 8.92 35.67 -17.86
N PRO B 38 9.04 36.83 -17.19
CA PRO B 38 10.36 37.37 -16.88
C PRO B 38 11.01 36.74 -15.65
N ASP B 39 10.19 36.34 -14.67
CA ASP B 39 10.74 35.87 -13.41
C ASP B 39 11.20 34.42 -13.47
N LEU B 40 10.46 33.57 -14.18
CA LEU B 40 10.87 32.19 -14.34
C LEU B 40 12.21 32.12 -15.05
N ASP B 41 13.09 31.26 -14.55
CA ASP B 41 14.45 31.19 -15.06
C ASP B 41 14.44 30.89 -16.56
N PRO B 42 15.12 31.69 -17.38
CA PRO B 42 15.14 31.43 -18.83
C PRO B 42 15.72 30.08 -19.20
N GLU B 43 16.37 29.38 -18.26
CA GLU B 43 16.83 28.02 -18.47
C GLU B 43 15.86 26.98 -17.92
N LEU B 44 14.73 27.42 -17.35
CA LEU B 44 13.72 26.52 -16.82
C LEU B 44 12.40 26.57 -17.58
N TYR B 45 12.23 27.52 -18.50
CA TYR B 45 11.04 27.61 -19.33
C TYR B 45 11.42 27.08 -20.71
N LEU B 46 10.84 25.94 -21.09
CA LEU B 46 11.26 25.22 -22.29
C LEU B 46 10.18 25.26 -23.36
N SER B 47 10.59 25.54 -24.59
CA SER B 47 9.76 25.34 -25.77
C SER B 47 10.25 24.08 -26.46
N VAL B 48 9.36 23.10 -26.60
CA VAL B 48 9.74 21.75 -26.97
C VAL B 48 9.68 21.59 -28.48
N HIS B 49 10.78 21.11 -29.06
CA HIS B 49 10.83 20.77 -30.48
C HIS B 49 10.60 19.27 -30.64
N ASP B 50 9.85 18.91 -31.68
CA ASP B 50 9.38 17.53 -31.86
C ASP B 50 9.57 17.12 -33.32
N PRO B 51 10.66 16.41 -33.64
CA PRO B 51 10.80 15.91 -35.02
C PRO B 51 9.83 14.77 -35.33
N ALA B 52 9.55 13.91 -34.36
CA ALA B 52 8.67 12.77 -34.57
C ALA B 52 7.20 13.10 -34.39
N GLY B 53 6.87 14.27 -33.85
CA GLY B 53 5.49 14.60 -33.55
C GLY B 53 4.85 13.78 -32.47
N ALA B 54 5.60 12.89 -31.81
CA ALA B 54 5.04 12.04 -30.76
C ALA B 54 4.48 12.88 -29.63
N LEU B 55 5.32 13.70 -29.01
CA LEU B 55 4.85 14.56 -27.94
C LEU B 55 3.81 15.56 -28.44
N GLN B 56 4.07 16.17 -29.60
CA GLN B 56 3.17 17.19 -30.14
C GLN B 56 1.80 16.61 -30.48
N ALA B 57 1.77 15.62 -31.38
CA ALA B 57 0.51 15.02 -31.79
C ALA B 57 -0.08 14.08 -30.73
N ALA B 58 0.62 13.87 -29.62
CA ALA B 58 0.08 13.08 -28.52
C ALA B 58 -0.52 13.94 -27.42
N PHE B 59 -0.02 15.17 -27.24
CA PHE B 59 -0.75 16.16 -26.46
C PHE B 59 -1.81 16.87 -27.29
N ARG B 60 -1.79 16.68 -28.62
CA ARG B 60 -2.93 17.09 -29.43
C ARG B 60 -4.13 16.19 -29.18
N ARG B 61 -3.93 14.87 -29.27
CA ARG B 61 -4.95 13.89 -28.91
C ARG B 61 -4.95 13.69 -27.40
N TYR B 62 -5.20 14.79 -26.69
CA TYR B 62 -5.19 14.85 -25.24
C TYR B 62 -6.36 15.73 -24.81
N PRO B 63 -7.05 15.37 -23.72
CA PRO B 63 -8.15 16.20 -23.23
C PRO B 63 -7.71 17.63 -22.93
N ARG B 64 -7.91 18.53 -23.89
CA ARG B 64 -7.51 19.93 -23.71
C ARG B 64 -8.45 20.63 -22.73
N GLY B 65 -7.87 21.35 -21.78
CA GLY B 65 -8.62 21.99 -20.72
C GLY B 65 -8.72 21.19 -19.44
N ALA B 66 -8.15 19.99 -19.41
CA ALA B 66 -8.19 19.18 -18.20
C ALA B 66 -7.41 19.86 -17.08
N PRO B 67 -7.74 19.57 -15.82
CA PRO B 67 -7.01 20.17 -14.70
C PRO B 67 -5.53 19.83 -14.75
N ALA B 68 -4.75 20.56 -13.97
CA ALA B 68 -3.30 20.42 -13.96
C ALA B 68 -2.90 19.00 -13.57
N PRO B 69 -2.23 18.25 -14.46
CA PRO B 69 -1.76 16.91 -14.09
C PRO B 69 -0.58 16.98 -13.13
N HIS B 70 0.17 15.89 -13.00
CA HIS B 70 1.32 15.84 -12.10
C HIS B 70 2.60 15.83 -12.95
N CYS B 71 3.27 16.96 -13.00
CA CYS B 71 4.49 17.11 -13.79
C CYS B 71 5.70 17.25 -12.86
N GLU B 72 6.84 16.76 -13.34
CA GLU B 72 8.09 16.87 -12.60
C GLU B 72 9.24 16.85 -13.60
N MET B 73 10.23 17.70 -13.37
CA MET B 73 11.39 17.81 -14.24
C MET B 73 12.67 17.55 -13.45
N SER B 74 13.67 16.99 -14.11
CA SER B 74 14.97 16.73 -13.50
C SER B 74 16.00 16.58 -14.61
N ARG B 75 17.23 16.26 -14.24
CA ARG B 75 18.31 16.01 -15.17
C ARG B 75 18.62 14.52 -15.22
N PHE B 76 19.59 14.15 -16.06
CA PHE B 76 19.90 12.76 -16.31
C PHE B 76 21.27 12.65 -16.97
N VAL B 77 21.88 11.48 -16.82
CA VAL B 77 23.12 11.15 -17.52
C VAL B 77 22.96 9.73 -18.06
N PRO B 78 23.32 9.48 -19.34
CA PRO B 78 23.10 8.15 -19.92
C PRO B 78 23.73 7.02 -19.13
N LEU B 79 22.94 6.43 -18.23
CA LEU B 79 23.40 5.30 -17.44
C LEU B 79 22.98 3.99 -18.11
N PRO B 80 23.92 3.13 -18.48
CA PRO B 80 23.53 1.86 -19.12
C PRO B 80 22.73 0.98 -18.16
N ALA B 81 21.98 0.05 -18.75
CA ALA B 81 21.17 -0.88 -17.96
C ALA B 81 22.09 -1.84 -17.22
N SER B 82 21.84 -2.00 -15.92
CA SER B 82 22.66 -2.88 -15.09
C SER B 82 22.49 -4.35 -15.42
N ALA B 83 21.45 -4.70 -16.18
CA ALA B 83 21.22 -6.10 -16.52
C ALA B 83 22.34 -6.63 -17.41
N LYS B 84 22.83 -7.83 -17.08
CA LYS B 84 23.91 -8.41 -17.86
C LYS B 84 23.44 -8.86 -19.23
N TRP B 85 22.17 -9.25 -19.37
CA TRP B 85 21.66 -9.59 -20.69
C TRP B 85 21.64 -8.39 -21.62
N ALA B 86 21.58 -7.18 -21.07
CA ALA B 86 21.63 -5.97 -21.90
C ALA B 86 22.97 -5.83 -22.62
N SER B 87 23.99 -6.56 -22.19
CA SER B 87 25.24 -6.63 -22.94
C SER B 87 24.95 -7.15 -24.34
N GLY B 88 25.13 -6.30 -25.33
CA GLY B 88 24.70 -6.59 -26.69
C GLY B 88 24.18 -5.32 -27.34
N LEU B 89 23.34 -4.59 -26.61
CA LEU B 89 22.99 -3.24 -27.02
C LEU B 89 24.15 -2.28 -26.78
N THR B 90 25.00 -2.59 -25.80
CA THR B 90 26.17 -1.77 -25.46
C THR B 90 27.39 -2.67 -25.48
N PRO B 91 27.93 -2.97 -26.67
CA PRO B 91 29.13 -3.82 -26.75
C PRO B 91 30.40 -3.03 -26.57
N ALA B 92 30.29 -1.80 -26.08
CA ALA B 92 31.45 -0.94 -25.87
C ALA B 92 31.09 0.12 -24.84
N GLN B 93 31.96 0.32 -23.86
CA GLN B 93 31.70 1.22 -22.74
C GLN B 93 32.16 2.64 -23.03
N ASN B 94 31.77 3.18 -24.18
CA ASN B 94 32.09 4.55 -24.55
C ASN B 94 30.81 5.30 -24.89
N CYS B 95 30.69 6.52 -24.37
CA CYS B 95 29.50 7.33 -24.63
C CYS B 95 29.59 7.95 -26.02
N PRO B 96 28.47 8.01 -26.74
CA PRO B 96 28.50 8.62 -28.08
C PRO B 96 28.82 10.11 -28.02
N ARG B 97 29.34 10.61 -29.14
CA ARG B 97 29.73 12.01 -29.22
C ARG B 97 28.53 12.93 -29.32
N ALA B 98 27.51 12.53 -30.08
CA ALA B 98 26.31 13.34 -30.27
C ALA B 98 25.40 13.37 -29.06
N LEU B 99 25.77 12.77 -27.93
CA LEU B 99 24.96 12.77 -26.71
C LEU B 99 25.61 13.60 -25.62
N ASP B 100 26.27 14.69 -25.99
CA ASP B 100 26.92 15.58 -25.04
C ASP B 100 25.99 16.74 -24.70
N GLY B 101 26.48 17.64 -23.85
CA GLY B 101 25.67 18.75 -23.40
C GLY B 101 24.81 18.40 -22.20
N ALA B 102 23.64 19.00 -22.12
CA ALA B 102 22.71 18.76 -21.03
C ALA B 102 21.68 17.69 -21.39
N TRP B 103 21.16 17.02 -20.36
CA TRP B 103 20.10 16.05 -20.51
C TRP B 103 19.01 16.35 -19.50
N LEU B 104 17.77 16.41 -19.96
CA LEU B 104 16.62 16.68 -19.11
C LEU B 104 15.61 15.55 -19.23
N MET B 105 15.03 15.16 -18.10
CA MET B 105 14.01 14.12 -18.05
C MET B 105 12.76 14.70 -17.41
N VAL B 106 11.64 14.62 -18.11
CA VAL B 106 10.37 15.14 -17.67
C VAL B 106 9.39 13.98 -17.54
N SER B 107 8.74 13.88 -16.37
CA SER B 107 7.77 12.83 -16.08
C SER B 107 6.44 13.46 -15.73
N ILE B 108 5.39 13.05 -16.43
CA ILE B 108 4.04 13.58 -16.24
C ILE B 108 3.08 12.41 -16.06
N SER B 109 2.15 12.55 -15.12
CA SER B 109 1.14 11.54 -14.84
C SER B 109 -0.23 12.18 -14.82
N SER B 110 -1.22 11.44 -15.32
CA SER B 110 -2.60 11.91 -15.42
C SER B 110 -3.49 10.70 -15.61
N PRO B 111 -4.81 10.83 -15.34
CA PRO B 111 -5.71 9.68 -15.53
C PRO B 111 -6.08 9.43 -16.98
N VAL B 112 -5.23 9.87 -17.92
CA VAL B 112 -5.48 9.68 -19.34
C VAL B 112 -4.23 9.16 -20.01
N LEU B 113 -3.08 9.74 -19.69
CA LEU B 113 -1.83 9.38 -20.35
C LEU B 113 -0.67 9.71 -19.42
N SER B 114 0.37 8.87 -19.46
CA SER B 114 1.58 9.07 -18.67
C SER B 114 2.77 9.21 -19.61
N LEU B 115 3.63 10.20 -19.34
CA LEU B 115 4.68 10.61 -20.25
C LEU B 115 6.04 10.64 -19.54
N SER B 116 7.07 10.20 -20.26
CA SER B 116 8.46 10.30 -19.83
C SER B 116 9.29 10.71 -21.04
N SER B 117 9.93 11.87 -20.96
CA SER B 117 10.60 12.45 -22.11
C SER B 117 12.02 12.89 -21.76
N LEU B 118 12.91 12.75 -22.73
CA LEU B 118 14.29 13.20 -22.63
C LEU B 118 14.53 14.35 -23.60
N LEU B 119 15.33 15.32 -23.17
CA LEU B 119 15.56 16.54 -23.94
C LEU B 119 17.01 16.98 -23.82
N ARG B 120 17.45 17.76 -24.81
CA ARG B 120 18.79 18.33 -24.84
C ARG B 120 18.68 19.78 -25.30
N PRO B 121 18.71 20.74 -24.37
CA PRO B 121 18.46 22.14 -24.74
C PRO B 121 19.67 22.83 -25.36
N GLN B 122 19.94 24.04 -24.90
CA GLN B 122 21.04 24.87 -25.42
C GLN B 122 21.67 25.65 -24.28
N PRO B 123 22.95 25.99 -24.39
CA PRO B 123 23.59 26.73 -23.29
C PRO B 123 23.01 28.11 -23.06
N GLU B 124 22.90 28.92 -24.10
CA GLU B 124 22.42 30.29 -23.94
C GLU B 124 20.90 30.33 -24.07
N PRO B 125 20.18 30.86 -23.07
CA PRO B 125 18.74 31.10 -23.24
C PRO B 125 18.40 32.38 -23.99
N GLN B 126 19.38 33.01 -24.62
CA GLN B 126 19.15 34.26 -25.33
C GLN B 126 18.30 34.01 -26.58
N GLN B 127 17.18 34.71 -26.67
CA GLN B 127 16.30 34.64 -27.82
C GLN B 127 15.90 36.05 -28.21
N GLU B 128 16.05 36.38 -29.49
CA GLU B 128 15.85 37.74 -29.97
C GLU B 128 14.37 38.15 -29.99
N PRO B 129 13.43 37.29 -30.42
CA PRO B 129 12.01 37.66 -30.30
C PRO B 129 11.59 37.84 -28.84
N VAL B 130 11.23 36.74 -28.18
CA VAL B 130 10.84 36.76 -26.78
C VAL B 130 11.79 35.85 -26.01
N LEU B 131 12.08 36.23 -24.76
CA LEU B 131 13.02 35.49 -23.92
C LEU B 131 12.42 34.14 -23.57
N ILE B 132 12.82 33.10 -24.30
CA ILE B 132 12.38 31.73 -24.08
C ILE B 132 13.46 30.80 -24.60
N THR B 133 13.34 29.51 -24.26
CA THR B 133 14.37 28.53 -24.56
C THR B 133 13.82 27.43 -25.46
N MET B 134 14.67 26.91 -26.34
CA MET B 134 14.33 25.81 -27.23
C MET B 134 15.00 24.53 -26.77
N ALA B 135 14.24 23.44 -26.79
CA ALA B 135 14.76 22.10 -26.49
C ALA B 135 14.48 21.18 -27.68
N THR B 136 14.64 19.87 -27.46
CA THR B 136 14.36 18.87 -28.49
C THR B 136 14.26 17.50 -27.84
N VAL B 137 13.27 16.71 -28.25
CA VAL B 137 12.99 15.44 -27.61
C VAL B 137 13.74 14.33 -28.33
N VAL B 138 14.59 13.62 -27.59
CA VAL B 138 15.31 12.47 -28.15
C VAL B 138 14.65 11.14 -27.76
N LEU B 139 13.90 11.11 -26.66
CA LEU B 139 13.19 9.90 -26.25
C LEU B 139 11.83 10.29 -25.72
N THR B 140 10.77 9.74 -26.30
CA THR B 140 9.41 9.96 -25.85
C THR B 140 8.82 8.62 -25.41
N VAL B 141 8.10 8.64 -24.29
CA VAL B 141 7.36 7.47 -23.81
C VAL B 141 6.00 7.96 -23.36
N LEU B 142 4.94 7.44 -23.96
CA LEU B 142 3.60 7.86 -23.60
C LEU B 142 2.66 6.65 -23.59
N THR B 143 1.93 6.50 -22.49
CA THR B 143 0.94 5.44 -22.32
C THR B 143 -0.43 6.07 -22.20
N HIS B 144 -1.43 5.41 -22.79
CA HIS B 144 -2.82 5.86 -22.73
C HIS B 144 -3.69 4.96 -21.88
N THR B 145 -3.09 4.02 -21.14
CA THR B 145 -3.80 3.14 -20.22
C THR B 145 -3.16 3.28 -18.83
N PRO B 146 -3.42 4.40 -18.14
CA PRO B 146 -2.81 4.60 -16.82
C PRO B 146 -3.52 3.87 -15.70
N ALA B 147 -4.70 3.31 -15.93
CA ALA B 147 -5.44 2.60 -14.90
C ALA B 147 -6.48 1.67 -15.51
N PRO B 148 -6.07 0.52 -16.04
CA PRO B 148 -7.05 -0.45 -16.55
C PRO B 148 -7.79 -1.14 -15.42
N ARG B 149 -8.91 -1.77 -15.79
CA ARG B 149 -9.74 -2.55 -14.86
C ARG B 149 -10.29 -3.74 -15.64
N VAL B 150 -9.56 -4.85 -15.61
CA VAL B 150 -9.94 -6.04 -16.35
C VAL B 150 -10.85 -6.91 -15.47
N ARG B 151 -11.64 -7.76 -16.12
CA ARG B 151 -12.55 -8.66 -15.42
C ARG B 151 -11.85 -9.95 -15.05
N LEU B 152 -12.24 -10.51 -13.90
CA LEU B 152 -11.64 -11.73 -13.39
C LEU B 152 -11.79 -12.87 -14.39
N GLY B 153 -10.67 -13.46 -14.80
CA GLY B 153 -10.67 -14.60 -15.68
C GLY B 153 -10.47 -14.29 -17.16
N GLN B 154 -9.88 -13.15 -17.50
CA GLN B 154 -9.67 -12.77 -18.89
C GLN B 154 -8.33 -12.08 -19.03
N ASP B 155 -7.73 -12.21 -20.21
CA ASP B 155 -6.41 -11.66 -20.46
C ASP B 155 -6.44 -10.13 -20.43
N ALA B 156 -5.27 -9.54 -20.20
CA ALA B 156 -5.14 -8.10 -20.02
C ALA B 156 -4.22 -7.52 -21.09
N LEU B 157 -4.67 -6.44 -21.71
CA LEU B 157 -3.89 -5.69 -22.69
C LEU B 157 -3.56 -4.32 -22.14
N LEU B 158 -2.34 -3.85 -22.41
CA LEU B 158 -1.85 -2.58 -21.88
C LEU B 158 -1.18 -1.79 -22.99
N ASP B 159 -1.39 -0.48 -23.00
CA ASP B 159 -0.86 0.39 -24.03
C ASP B 159 0.44 1.04 -23.58
N LEU B 160 1.37 1.21 -24.52
CA LEU B 160 2.65 1.85 -24.24
C LEU B 160 3.37 2.16 -25.55
N SER B 161 3.42 3.44 -25.92
CA SER B 161 4.08 3.87 -27.15
C SER B 161 5.36 4.63 -26.80
N PHE B 162 6.30 4.64 -27.75
CA PHE B 162 7.56 5.37 -27.55
C PHE B 162 8.01 5.94 -28.88
N ALA B 163 9.09 6.71 -28.82
CA ALA B 163 9.64 7.36 -30.01
C ALA B 163 11.09 7.71 -29.75
N TYR B 164 11.96 7.35 -30.70
CA TYR B 164 13.39 7.62 -30.60
C TYR B 164 13.87 8.29 -31.87
N MET B 165 14.25 9.56 -31.78
CA MET B 165 14.82 10.28 -32.90
C MET B 165 16.32 10.03 -32.97
N PRO B 166 16.86 9.65 -34.12
CA PRO B 166 18.30 9.41 -34.23
C PRO B 166 19.08 10.69 -33.99
N PRO B 167 20.35 10.58 -33.62
CA PRO B 167 21.16 11.79 -33.42
C PRO B 167 21.35 12.56 -34.72
N THR B 168 20.59 13.65 -34.88
CA THR B 168 20.73 14.50 -36.07
C THR B 168 22.11 15.13 -36.12
N SER B 169 23.06 14.38 -36.71
CA SER B 169 24.45 14.76 -36.91
C SER B 169 25.25 13.51 -37.27
N GLU B 170 25.18 12.51 -36.40
CA GLU B 170 25.93 11.26 -36.58
C GLU B 170 25.30 10.44 -37.70
N ALA B 171 25.95 10.43 -38.86
CA ALA B 171 25.47 9.67 -39.99
C ALA B 171 26.62 9.30 -40.92
N ALA B 172 27.70 10.07 -40.87
CA ALA B 172 28.85 9.87 -41.73
C ALA B 172 29.85 8.86 -41.17
N SER B 173 29.49 8.14 -40.12
CA SER B 173 30.40 7.17 -39.52
C SER B 173 29.72 5.83 -39.30
N SER B 174 28.39 5.85 -39.15
CA SER B 174 27.64 4.62 -38.89
C SER B 174 27.59 3.77 -40.15
N LEU B 175 28.37 2.68 -40.17
CA LEU B 175 28.31 1.74 -41.28
C LEU B 175 27.03 0.91 -41.27
N ALA B 176 26.26 0.94 -40.18
CA ALA B 176 25.00 0.23 -40.06
C ALA B 176 23.89 1.26 -39.80
N PRO B 177 23.41 1.94 -40.84
CA PRO B 177 22.37 2.94 -40.64
C PRO B 177 21.01 2.32 -40.35
N GLY B 178 19.99 3.16 -40.17
CA GLY B 178 18.66 2.69 -39.89
C GLY B 178 18.36 2.67 -38.41
N PRO B 179 17.11 2.37 -38.06
CA PRO B 179 16.72 2.35 -36.64
C PRO B 179 17.39 1.20 -35.90
N PRO B 180 18.10 1.49 -34.82
CA PRO B 180 18.74 0.43 -34.04
C PRO B 180 17.72 -0.30 -33.18
N PRO B 181 18.09 -1.45 -32.59
CA PRO B 181 17.16 -2.15 -31.70
C PRO B 181 16.80 -1.35 -30.45
N PHE B 182 16.01 -1.97 -29.57
CA PHE B 182 15.52 -1.32 -28.36
C PHE B 182 14.97 -2.40 -27.44
N GLY B 183 14.80 -2.05 -26.17
CA GLY B 183 14.35 -2.99 -25.17
C GLY B 183 13.06 -2.54 -24.51
N LEU B 184 12.29 -3.50 -24.02
CA LEU B 184 11.06 -3.25 -23.28
C LEU B 184 11.05 -4.13 -22.04
N GLU B 185 10.76 -3.53 -20.88
CA GLU B 185 10.86 -4.24 -19.61
C GLU B 185 9.70 -3.84 -18.72
N TRP B 186 8.87 -4.82 -18.35
CA TRP B 186 7.74 -4.62 -17.45
C TRP B 186 8.00 -5.39 -16.15
N ARG B 187 8.14 -4.65 -15.05
CA ARG B 187 8.28 -5.22 -13.71
C ARG B 187 6.95 -5.06 -12.99
N ARG B 188 6.50 -6.12 -12.32
CA ARG B 188 5.08 -6.21 -11.99
C ARG B 188 4.82 -6.68 -10.57
N GLN B 189 3.54 -6.55 -10.21
CA GLN B 189 2.74 -7.30 -9.23
C GLN B 189 3.39 -7.76 -7.92
N HIS B 190 2.58 -8.52 -7.15
CA HIS B 190 2.91 -9.07 -5.85
C HIS B 190 3.21 -7.95 -4.84
N LEU B 191 2.13 -7.24 -4.49
CA LEU B 191 2.20 -6.21 -3.45
C LEU B 191 2.74 -6.79 -2.16
N GLY B 192 3.61 -6.03 -1.50
CA GLY B 192 4.41 -6.54 -0.41
C GLY B 192 5.74 -7.11 -0.84
N LYS B 193 5.99 -7.18 -2.15
CA LYS B 193 7.24 -7.68 -2.70
C LYS B 193 7.38 -7.08 -4.10
N GLY B 194 8.24 -7.67 -4.92
CA GLY B 194 8.44 -7.21 -6.28
C GLY B 194 9.23 -8.20 -7.11
N HIS B 195 8.95 -8.24 -8.41
CA HIS B 195 9.64 -9.14 -9.32
C HIS B 195 9.63 -8.52 -10.72
N LEU B 196 10.01 -9.32 -11.71
CA LEU B 196 10.08 -8.90 -13.10
C LEU B 196 9.32 -9.90 -13.96
N LEU B 197 8.45 -9.39 -14.83
CA LEU B 197 7.68 -10.24 -15.74
C LEU B 197 8.25 -10.26 -17.16
N LEU B 198 8.44 -9.09 -17.77
CA LEU B 198 8.90 -9.02 -19.15
C LEU B 198 10.21 -8.24 -19.23
N ALA B 199 11.12 -8.72 -20.09
CA ALA B 199 12.37 -8.01 -20.35
C ALA B 199 12.93 -8.56 -21.66
N ALA B 200 12.72 -7.83 -22.75
CA ALA B 200 13.10 -8.32 -24.06
C ALA B 200 13.54 -7.17 -24.95
N THR B 201 14.65 -7.35 -25.66
CA THR B 201 15.14 -6.37 -26.64
C THR B 201 15.02 -7.00 -28.03
N PRO B 202 13.89 -6.84 -28.71
CA PRO B 202 13.73 -7.49 -30.03
C PRO B 202 14.66 -6.87 -31.06
N GLY B 203 15.22 -7.74 -31.90
CA GLY B 203 16.14 -7.32 -32.94
C GLY B 203 17.60 -7.58 -32.65
N LEU B 204 17.91 -8.36 -31.62
CA LEU B 204 19.30 -8.65 -31.25
C LEU B 204 19.44 -10.13 -30.96
N ASN B 205 20.41 -10.77 -31.62
CA ASN B 205 20.70 -12.17 -31.33
C ASN B 205 21.36 -12.31 -29.97
N GLY B 206 20.58 -12.14 -28.90
CA GLY B 206 21.10 -12.27 -27.56
C GLY B 206 20.16 -13.08 -26.69
N GLN B 207 20.72 -13.61 -25.60
CA GLN B 207 19.95 -14.48 -24.72
C GLN B 207 18.93 -13.67 -23.94
N MET B 208 17.65 -14.02 -24.11
CA MET B 208 16.55 -13.35 -23.42
C MET B 208 16.15 -14.13 -22.17
N PRO B 209 15.71 -13.44 -21.12
CA PRO B 209 15.30 -14.14 -19.88
C PRO B 209 14.07 -15.01 -20.08
N ALA B 210 13.65 -15.68 -19.01
CA ALA B 210 12.50 -16.57 -19.08
C ALA B 210 11.21 -15.75 -19.07
N ALA B 211 10.07 -16.45 -19.11
CA ALA B 211 8.76 -15.83 -19.12
C ALA B 211 7.99 -16.29 -17.89
N GLN B 212 7.75 -15.36 -16.97
CA GLN B 212 6.95 -15.66 -15.78
C GLN B 212 5.47 -15.54 -16.13
N GLU B 213 4.70 -16.58 -15.77
CA GLU B 213 3.27 -16.66 -16.04
C GLU B 213 2.95 -16.79 -17.52
N GLY B 214 3.88 -16.41 -18.40
CA GLY B 214 3.70 -16.56 -19.83
C GLY B 214 3.13 -15.33 -20.51
N ALA B 215 3.57 -14.14 -20.10
CA ALA B 215 3.12 -12.90 -20.68
C ALA B 215 4.12 -12.38 -21.71
N VAL B 216 3.62 -11.65 -22.71
CA VAL B 216 4.45 -11.13 -23.79
C VAL B 216 3.93 -9.76 -24.19
N ALA B 217 4.66 -9.08 -25.07
CA ALA B 217 4.24 -7.76 -25.53
C ALA B 217 4.53 -7.62 -27.01
N PHE B 218 3.65 -6.91 -27.71
CA PHE B 218 3.88 -6.51 -29.09
C PHE B 218 4.69 -5.22 -29.06
N ALA B 219 5.99 -5.34 -29.33
CA ALA B 219 6.91 -4.21 -29.29
C ALA B 219 7.77 -4.23 -30.53
N ALA B 220 7.63 -3.20 -31.35
CA ALA B 220 8.38 -3.07 -32.60
C ALA B 220 8.22 -1.63 -33.10
N TRP B 221 8.67 -1.38 -34.32
CA TRP B 221 8.46 -0.09 -34.96
C TRP B 221 7.17 -0.10 -35.78
N ASP B 222 6.63 1.08 -36.04
CA ASP B 222 5.46 1.19 -36.90
C ASP B 222 5.84 1.09 -38.38
N ASP B 223 7.07 1.44 -38.72
CA ASP B 223 7.54 1.39 -40.11
C ASP B 223 9.03 1.09 -40.09
N ASP B 224 9.73 1.48 -41.17
CA ASP B 224 11.17 1.26 -41.25
C ASP B 224 11.87 2.34 -42.06
N GLU B 225 11.40 3.58 -41.98
CA GLU B 225 12.06 4.67 -42.68
C GLU B 225 13.46 4.88 -42.12
N PRO B 226 14.48 5.00 -42.96
CA PRO B 226 15.86 4.85 -42.47
C PRO B 226 16.41 6.06 -41.73
N TRP B 227 16.13 7.27 -42.21
CA TRP B 227 16.78 8.46 -41.67
C TRP B 227 15.87 9.39 -40.88
N GLY B 228 14.56 9.34 -41.13
CA GLY B 228 13.64 10.21 -40.43
C GLY B 228 13.42 9.78 -38.99
N PRO B 229 12.44 10.38 -38.33
CA PRO B 229 12.12 10.00 -36.96
C PRO B 229 11.50 8.60 -36.91
N TRP B 230 11.41 8.06 -35.71
CA TRP B 230 10.88 6.72 -35.50
C TRP B 230 9.93 6.71 -34.33
N THR B 231 8.78 6.07 -34.51
CA THR B 231 7.81 5.82 -33.45
C THR B 231 7.57 4.32 -33.34
N GLY B 232 7.46 3.84 -32.11
CA GLY B 232 7.37 2.41 -31.87
C GLY B 232 6.26 2.06 -30.91
N ASN B 233 5.69 0.88 -31.14
CA ASN B 233 4.64 0.30 -30.31
C ASN B 233 5.27 -0.65 -29.30
N GLY B 234 4.66 -0.71 -28.11
CA GLY B 234 5.10 -1.61 -27.06
C GLY B 234 3.98 -1.99 -26.12
N THR B 235 2.93 -2.59 -26.68
CA THR B 235 1.73 -2.92 -25.91
C THR B 235 1.93 -4.23 -25.18
N PHE B 236 1.76 -4.21 -23.86
CA PHE B 236 1.94 -5.39 -23.03
C PHE B 236 0.69 -6.27 -23.07
N TRP B 237 0.87 -7.55 -22.74
CA TRP B 237 -0.21 -8.53 -22.81
C TRP B 237 0.09 -9.61 -21.78
N LEU B 238 -0.78 -9.69 -20.77
CA LEU B 238 -0.75 -10.69 -19.73
C LEU B 238 -1.88 -11.69 -19.96
N PRO B 239 -1.65 -12.98 -19.73
CA PRO B 239 -2.73 -13.97 -19.88
C PRO B 239 -3.83 -13.80 -18.84
N ARG B 240 -4.50 -14.89 -18.49
CA ARG B 240 -5.56 -14.84 -17.50
C ARG B 240 -5.04 -14.31 -16.17
N VAL B 241 -5.59 -13.18 -15.74
CA VAL B 241 -5.13 -12.49 -14.54
C VAL B 241 -5.93 -12.98 -13.35
N GLN B 242 -5.42 -12.71 -12.15
CA GLN B 242 -6.06 -13.09 -10.91
C GLN B 242 -5.77 -12.00 -9.89
N PRO B 243 -6.72 -11.66 -9.01
CA PRO B 243 -6.52 -10.54 -8.07
C PRO B 243 -5.35 -10.70 -7.10
N PHE B 244 -4.52 -11.73 -7.26
CA PHE B 244 -3.25 -11.77 -6.54
C PHE B 244 -2.14 -11.07 -7.30
N GLN B 245 -2.46 -10.45 -8.44
CA GLN B 245 -1.54 -9.65 -9.22
C GLN B 245 -1.94 -8.18 -9.27
N GLU B 246 -3.00 -7.81 -8.55
CA GLU B 246 -3.50 -6.45 -8.53
C GLU B 246 -2.50 -5.50 -7.90
N GLY B 247 -2.60 -4.21 -8.26
CA GLY B 247 -1.74 -3.22 -7.65
C GLY B 247 -1.02 -2.30 -8.61
N THR B 248 0.29 -2.42 -8.70
CA THR B 248 1.10 -1.49 -9.47
C THR B 248 2.13 -2.24 -10.29
N TYR B 249 2.61 -1.58 -11.35
CA TYR B 249 3.69 -2.10 -12.16
C TYR B 249 4.37 -0.96 -12.89
N LEU B 250 5.56 -1.23 -13.41
CA LEU B 250 6.41 -0.24 -14.05
C LEU B 250 6.83 -0.74 -15.42
N ALA B 251 6.77 0.15 -16.42
CA ALA B 251 7.12 -0.18 -17.79
C ALA B 251 8.23 0.74 -18.26
N THR B 252 9.34 0.15 -18.72
CA THR B 252 10.53 0.89 -19.12
C THR B 252 10.90 0.53 -20.55
N ILE B 253 11.39 1.52 -21.29
CA ILE B 253 11.89 1.35 -22.64
C ILE B 253 13.37 1.72 -22.64
N HIS B 254 14.18 0.87 -23.26
CA HIS B 254 15.63 0.98 -23.19
C HIS B 254 16.24 1.17 -24.57
N LEU B 255 17.35 1.89 -24.59
CA LEU B 255 18.16 2.13 -25.77
C LEU B 255 19.60 2.15 -25.31
N PRO B 256 20.56 2.13 -26.26
CA PRO B 256 21.97 2.27 -25.86
C PRO B 256 22.20 3.47 -24.94
N TYR B 257 22.62 3.17 -23.70
CA TYR B 257 22.91 4.16 -22.66
C TYR B 257 21.66 4.84 -22.12
N LEU B 258 20.52 4.68 -22.77
CA LEU B 258 19.31 5.43 -22.44
C LEU B 258 18.23 4.51 -21.89
N GLN B 259 17.37 5.08 -21.04
CA GLN B 259 16.27 4.32 -20.44
C GLN B 259 15.21 5.29 -19.94
N GLY B 260 13.95 4.93 -20.15
CA GLY B 260 12.84 5.75 -19.71
C GLY B 260 11.67 4.95 -19.19
N GLN B 261 11.20 5.26 -17.99
CA GLN B 261 10.23 4.44 -17.28
C GLN B 261 8.97 5.23 -16.95
N VAL B 262 7.84 4.52 -16.92
CA VAL B 262 6.56 5.06 -16.50
C VAL B 262 5.88 4.06 -15.58
N THR B 263 4.84 4.53 -14.89
CA THR B 263 4.13 3.77 -13.87
C THR B 263 2.70 3.49 -14.33
N LEU B 264 2.18 2.32 -13.95
CA LEU B 264 0.80 1.95 -14.25
C LEU B 264 0.19 1.27 -13.03
N GLU B 265 -1.11 1.42 -12.86
CA GLU B 265 -1.85 0.88 -11.73
C GLU B 265 -3.03 0.07 -12.23
N LEU B 266 -3.50 -0.86 -11.40
CA LEU B 266 -4.57 -1.77 -11.78
C LEU B 266 -5.32 -2.22 -10.53
N ALA B 267 -6.65 -2.16 -10.60
CA ALA B 267 -7.53 -2.58 -9.52
C ALA B 267 -8.69 -3.40 -10.09
N VAL B 268 -9.33 -4.18 -9.21
CA VAL B 268 -10.45 -5.02 -9.59
C VAL B 268 -11.66 -4.63 -8.74
N TYR B 269 -12.84 -5.00 -9.24
CA TYR B 269 -14.11 -4.58 -8.65
C TYR B 269 -14.94 -5.80 -8.25
N LYS B 270 -15.48 -5.77 -7.03
CA LYS B 270 -16.35 -6.82 -6.50
C LYS B 270 -17.39 -6.18 -5.57
N PRO B 271 -18.68 -6.23 -5.91
CA PRO B 271 -19.70 -5.52 -5.14
C PRO B 271 -20.14 -6.33 -3.92
N PRO B 272 -20.61 -5.67 -2.88
CA PRO B 272 -21.05 -6.37 -1.67
C PRO B 272 -22.52 -6.76 -1.71
N LYS B 273 -22.93 -7.53 -0.70
CA LYS B 273 -24.31 -7.96 -0.53
C LYS B 273 -24.71 -7.74 0.93
N VAL B 274 -26.01 -7.86 1.19
CA VAL B 274 -26.59 -7.40 2.45
C VAL B 274 -27.02 -8.59 3.31
N SER B 275 -27.18 -8.33 4.60
CA SER B 275 -27.71 -9.29 5.56
C SER B 275 -28.31 -8.52 6.72
N LEU B 276 -29.54 -8.86 7.10
CA LEU B 276 -30.27 -8.07 8.10
C LEU B 276 -31.18 -9.00 8.89
N MET B 277 -30.70 -9.44 10.06
CA MET B 277 -31.51 -10.28 10.92
C MET B 277 -31.87 -9.54 12.20
N PRO B 278 -33.06 -9.81 12.78
CA PRO B 278 -34.09 -10.74 12.30
C PRO B 278 -34.88 -10.19 11.12
N ALA B 279 -34.99 -11.00 10.06
CA ALA B 279 -35.62 -10.51 8.83
C ALA B 279 -37.13 -10.50 8.95
N THR B 280 -37.74 -11.63 9.33
CA THR B 280 -39.16 -11.73 9.55
C THR B 280 -39.42 -12.43 10.87
N LEU B 281 -40.42 -11.94 11.61
CA LEU B 281 -40.68 -12.45 12.96
C LEU B 281 -42.19 -12.63 13.14
N ALA B 282 -42.59 -12.87 14.37
CA ALA B 282 -43.98 -12.93 14.77
C ALA B 282 -44.29 -11.77 15.71
N ARG B 283 -45.46 -11.82 16.35
CA ARG B 283 -45.97 -10.67 17.08
C ARG B 283 -45.07 -10.32 18.27
N ALA B 284 -45.30 -9.12 18.81
CA ALA B 284 -44.64 -8.67 20.04
C ALA B 284 -45.67 -7.80 20.76
N ALA B 285 -46.26 -8.35 21.83
CA ALA B 285 -47.37 -7.78 22.57
C ALA B 285 -47.22 -6.28 22.81
N PRO B 286 -48.28 -5.50 22.69
CA PRO B 286 -48.16 -4.05 22.91
C PRO B 286 -47.68 -3.73 24.32
N GLY B 287 -46.84 -2.70 24.42
CA GLY B 287 -46.21 -2.37 25.69
C GLY B 287 -45.00 -3.23 25.98
N GLU B 288 -44.23 -3.59 24.97
CA GLU B 288 -43.07 -4.46 25.14
C GLU B 288 -41.98 -4.04 24.16
N ALA B 289 -40.76 -3.99 24.65
CA ALA B 289 -39.62 -3.67 23.79
C ALA B 289 -39.31 -4.86 22.89
N PRO B 290 -39.23 -4.67 21.58
CA PRO B 290 -38.90 -5.79 20.67
C PRO B 290 -37.50 -6.31 20.95
N PRO B 291 -37.18 -7.52 20.47
CA PRO B 291 -35.90 -8.14 20.84
C PRO B 291 -34.68 -7.40 20.29
N GLU B 292 -33.50 -7.93 20.58
CA GLU B 292 -32.24 -7.33 20.14
C GLU B 292 -32.10 -7.49 18.63
N LEU B 293 -32.13 -6.38 17.91
CA LEU B 293 -32.03 -6.39 16.46
C LEU B 293 -30.60 -6.06 16.05
N LEU B 294 -30.19 -6.55 14.88
CA LEU B 294 -28.79 -6.49 14.48
C LEU B 294 -28.66 -5.98 13.05
N CYS B 295 -27.42 -5.67 12.68
CA CYS B 295 -27.13 -5.00 11.40
C CYS B 295 -25.67 -5.30 11.05
N LEU B 296 -25.43 -6.03 9.96
CA LEU B 296 -24.08 -6.47 9.65
C LEU B 296 -23.78 -6.30 8.16
N VAL B 297 -22.51 -6.04 7.87
CA VAL B 297 -22.04 -5.79 6.50
C VAL B 297 -20.89 -6.74 6.20
N SER B 298 -20.65 -6.96 4.91
CA SER B 298 -19.71 -8.01 4.48
C SER B 298 -18.28 -7.49 4.42
N HIS B 299 -17.97 -6.68 3.41
CA HIS B 299 -16.63 -6.14 3.24
C HIS B 299 -16.68 -4.63 3.22
N PHE B 300 -16.00 -4.01 4.18
CA PHE B 300 -15.80 -2.57 4.19
C PHE B 300 -14.61 -2.28 5.09
N TYR B 301 -13.65 -1.51 4.59
CA TYR B 301 -12.35 -1.41 5.21
C TYR B 301 -11.72 -0.08 4.84
N PRO B 302 -10.97 0.57 5.75
CA PRO B 302 -10.66 0.14 7.11
C PRO B 302 -11.75 0.46 8.15
N SER B 303 -11.47 1.46 9.00
CA SER B 303 -12.39 1.79 10.08
C SER B 303 -12.38 3.29 10.42
N GLY B 304 -12.05 4.14 9.46
CA GLY B 304 -11.99 5.57 9.67
C GLY B 304 -13.15 6.29 8.98
N GLY B 305 -13.85 7.12 9.75
CA GLY B 305 -14.95 7.89 9.21
C GLY B 305 -16.26 7.17 9.14
N LEU B 306 -16.38 6.03 9.83
CA LEU B 306 -17.58 5.21 9.78
C LEU B 306 -18.71 5.84 10.60
N GLU B 307 -19.87 5.99 9.98
CA GLU B 307 -21.03 6.58 10.63
C GLU B 307 -22.12 5.54 10.81
N VAL B 308 -22.76 5.55 11.98
CA VAL B 308 -23.80 4.59 12.32
C VAL B 308 -25.06 5.35 12.73
N GLU B 309 -26.19 4.97 12.15
CA GLU B 309 -27.48 5.61 12.42
C GLU B 309 -28.52 4.55 12.70
N TRP B 310 -29.34 4.80 13.72
CA TRP B 310 -30.46 3.94 14.09
C TRP B 310 -31.74 4.76 14.05
N GLU B 311 -32.74 4.27 13.32
CA GLU B 311 -33.95 5.05 13.08
C GLU B 311 -35.19 4.19 13.26
N LEU B 312 -36.21 4.78 13.88
CA LEU B 312 -37.54 4.16 13.95
C LEU B 312 -38.33 4.56 12.72
N ARG B 313 -38.78 3.57 11.95
CA ARG B 313 -39.52 3.79 10.71
C ARG B 313 -40.84 3.05 10.85
N GLY B 314 -41.87 3.77 11.29
CA GLY B 314 -43.18 3.19 11.49
C GLY B 314 -44.08 4.06 12.33
N GLY B 315 -43.78 5.37 12.35
CA GLY B 315 -44.56 6.32 13.11
C GLY B 315 -44.41 7.73 12.59
N PRO B 316 -44.55 8.71 13.47
CA PRO B 316 -44.41 10.12 13.05
C PRO B 316 -42.99 10.64 13.19
N GLY B 317 -42.58 11.44 12.22
CA GLY B 317 -41.30 12.12 12.31
C GLY B 317 -40.39 11.95 11.11
N GLY B 318 -40.89 11.35 10.03
CA GLY B 318 -40.08 11.15 8.85
C GLY B 318 -39.01 10.09 9.05
N ARG B 319 -38.09 10.02 8.09
CA ARG B 319 -37.04 9.01 8.06
C ARG B 319 -35.71 9.55 8.58
N SER B 320 -35.73 10.44 9.57
CA SER B 320 -34.52 11.02 10.12
C SER B 320 -34.83 11.49 11.54
N GLN B 321 -34.97 10.53 12.45
CA GLN B 321 -35.26 10.78 13.85
C GLN B 321 -34.21 10.09 14.72
N LYS B 322 -33.76 10.79 15.75
CA LYS B 322 -32.90 10.19 16.77
C LYS B 322 -33.74 9.14 17.51
N ALA B 323 -33.51 7.87 17.17
CA ALA B 323 -34.37 6.80 17.67
C ALA B 323 -34.32 6.71 19.18
N GLU B 324 -35.44 6.28 19.76
CA GLU B 324 -35.51 6.00 21.18
C GLU B 324 -35.05 4.57 21.44
N GLY B 325 -34.67 4.32 22.69
CA GLY B 325 -34.08 3.05 23.06
C GLY B 325 -32.57 3.10 23.04
N GLN B 326 -31.96 1.92 23.17
CA GLN B 326 -30.52 1.81 23.24
C GLN B 326 -29.96 1.28 21.91
N ARG B 327 -28.74 1.72 21.60
CA ARG B 327 -28.10 1.35 20.34
C ARG B 327 -26.71 0.79 20.65
N TRP B 328 -26.02 0.31 19.61
CA TRP B 328 -24.74 -0.35 19.79
C TRP B 328 -23.95 -0.26 18.49
N LEU B 329 -22.90 0.55 18.49
CA LEU B 329 -21.93 0.61 17.40
C LEU B 329 -20.59 0.06 17.89
N SER B 330 -19.61 0.05 16.99
CA SER B 330 -18.26 -0.40 17.31
C SER B 330 -17.35 -0.06 16.14
N ALA B 331 -16.12 -0.57 16.19
CA ALA B 331 -15.14 -0.37 15.12
C ALA B 331 -14.04 -1.41 15.23
N GLY B 338 -7.24 -7.39 8.63
CA GLY B 338 -7.37 -6.58 9.83
C GLY B 338 -8.34 -5.43 9.67
N SER B 339 -9.62 -5.73 9.46
CA SER B 339 -10.62 -4.70 9.32
C SER B 339 -11.85 -5.11 10.12
N VAL B 340 -13.01 -4.62 9.70
CA VAL B 340 -14.25 -4.84 10.44
C VAL B 340 -15.32 -5.41 9.52
N SER B 341 -16.01 -6.43 10.01
CA SER B 341 -17.29 -6.86 9.44
C SER B 341 -18.38 -6.48 10.44
N LEU B 342 -18.59 -5.17 10.62
CA LEU B 342 -19.24 -4.63 11.82
C LEU B 342 -20.57 -5.30 12.11
N SER B 343 -20.89 -5.36 13.41
CA SER B 343 -22.14 -5.91 13.92
C SER B 343 -22.77 -4.85 14.82
N GLY B 344 -23.59 -3.98 14.23
CA GLY B 344 -24.34 -3.05 15.03
C GLY B 344 -25.55 -3.72 15.67
N HIS B 345 -25.85 -3.32 16.90
CA HIS B 345 -26.96 -3.88 17.65
C HIS B 345 -27.92 -2.77 18.08
N LEU B 346 -29.13 -3.17 18.45
CA LEU B 346 -30.17 -2.21 18.81
C LEU B 346 -31.17 -2.87 19.74
N GLN B 347 -31.47 -2.21 20.85
CA GLN B 347 -32.53 -2.60 21.76
C GLN B 347 -33.59 -1.51 21.75
N PRO B 348 -34.66 -1.65 20.97
CA PRO B 348 -35.67 -0.61 20.88
C PRO B 348 -36.48 -0.53 22.17
N PRO B 349 -37.22 0.56 22.38
CA PRO B 349 -38.00 0.71 23.62
C PRO B 349 -39.38 0.09 23.45
N PRO B 350 -40.21 0.14 24.50
CA PRO B 350 -41.61 -0.30 24.34
C PRO B 350 -42.33 0.48 23.23
N VAL B 351 -43.45 -0.08 22.79
CA VAL B 351 -44.20 0.48 21.68
C VAL B 351 -45.34 1.32 22.22
N THR B 352 -45.91 2.15 21.34
CA THR B 352 -47.01 3.04 21.67
C THR B 352 -48.25 2.64 20.86
N THR B 353 -49.27 3.50 20.88
CA THR B 353 -50.46 3.32 20.07
C THR B 353 -50.30 3.88 18.66
N GLU B 354 -49.07 3.90 18.14
CA GLU B 354 -48.80 4.48 16.84
C GLU B 354 -47.77 3.70 16.03
N GLN B 355 -47.25 2.60 16.56
CA GLN B 355 -46.18 1.84 15.91
C GLN B 355 -46.57 0.38 15.76
N HIS B 356 -47.83 0.11 15.45
CA HIS B 356 -48.27 -1.25 15.22
C HIS B 356 -47.69 -1.76 13.90
N GLY B 357 -47.00 -2.90 13.96
CA GLY B 357 -46.33 -3.41 12.77
C GLY B 357 -45.26 -2.48 12.25
N ALA B 358 -44.63 -1.70 13.12
CA ALA B 358 -43.62 -0.74 12.70
C ALA B 358 -42.35 -1.47 12.26
N ARG B 359 -41.32 -0.69 11.94
CA ARG B 359 -40.06 -1.22 11.46
C ARG B 359 -38.92 -0.41 12.05
N TYR B 360 -37.73 -1.00 12.08
CA TYR B 360 -36.54 -0.28 12.50
C TYR B 360 -35.46 -0.40 11.44
N ALA B 361 -34.69 0.66 11.26
CA ALA B 361 -33.70 0.73 10.21
C ALA B 361 -32.35 1.12 10.78
N CYS B 362 -31.30 0.58 10.15
CA CYS B 362 -29.92 0.90 10.49
C CYS B 362 -29.19 1.34 9.23
N ARG B 363 -28.35 2.36 9.38
CA ARG B 363 -27.65 2.99 8.26
C ARG B 363 -26.16 3.05 8.59
N ILE B 364 -25.33 2.55 7.68
CA ILE B 364 -23.89 2.55 7.87
C ILE B 364 -23.25 3.33 6.73
N HIS B 365 -22.51 4.38 7.07
CA HIS B 365 -21.77 5.19 6.11
C HIS B 365 -20.30 4.82 6.19
N HIS B 366 -19.74 4.40 5.06
CA HIS B 366 -18.34 4.04 4.94
C HIS B 366 -17.81 4.61 3.63
N PRO B 367 -16.56 5.09 3.61
CA PRO B 367 -16.02 5.69 2.39
C PRO B 367 -16.03 4.78 1.18
N SER B 368 -15.83 3.47 1.36
CA SER B 368 -15.83 2.56 0.22
C SER B 368 -17.22 2.42 -0.40
N LEU B 369 -18.26 2.48 0.42
CA LEU B 369 -19.63 2.37 -0.06
C LEU B 369 -20.08 3.69 -0.67
N PRO B 370 -21.22 3.70 -1.37
CA PRO B 370 -21.80 4.98 -1.82
C PRO B 370 -22.08 5.90 -0.66
N ALA B 371 -22.42 7.15 -0.99
CA ALA B 371 -22.73 8.15 0.02
C ALA B 371 -23.87 7.72 0.93
N SER B 372 -24.73 6.82 0.46
CA SER B 372 -25.76 6.23 1.31
C SER B 372 -25.25 5.06 2.12
N GLY B 373 -24.03 4.58 1.86
CA GLY B 373 -23.47 3.48 2.61
C GLY B 373 -24.20 2.18 2.42
N ARG B 374 -24.97 1.77 3.43
CA ARG B 374 -25.72 0.53 3.39
C ARG B 374 -26.82 0.59 4.45
N SER B 375 -28.04 0.26 4.04
CA SER B 375 -29.19 0.26 4.92
C SER B 375 -29.71 -1.15 5.13
N ALA B 376 -30.21 -1.40 6.33
CA ALA B 376 -30.86 -2.67 6.65
C ALA B 376 -32.08 -2.40 7.51
N GLU B 377 -33.05 -3.30 7.45
CA GLU B 377 -34.33 -3.09 8.10
C GLU B 377 -34.74 -4.35 8.87
N VAL B 378 -35.62 -4.16 9.84
CA VAL B 378 -36.14 -5.25 10.66
C VAL B 378 -37.59 -4.95 11.02
N THR B 379 -38.47 -5.88 10.67
CA THR B 379 -39.91 -5.70 10.84
C THR B 379 -40.33 -6.04 12.26
N LEU B 380 -41.29 -5.28 12.78
CA LEU B 380 -41.80 -5.45 14.14
C LEU B 380 -43.30 -5.69 14.10
N GLU B 381 -43.90 -5.81 15.28
CA GLU B 381 -45.33 -6.00 15.42
C GLU B 381 -45.86 -5.34 16.69
N ARG C 4 -1.57 3.73 9.37
CA ARG C 4 -2.56 2.76 9.83
C ARG C 4 -3.44 3.34 10.93
N THR C 5 -4.76 3.32 10.71
CA THR C 5 -5.63 3.75 11.79
C THR C 5 -6.03 2.56 12.66
N PRO C 6 -6.13 2.72 13.97
CA PRO C 6 -6.41 1.58 14.84
C PRO C 6 -7.88 1.16 14.80
N LYS C 7 -8.09 -0.15 14.83
CA LYS C 7 -9.41 -0.70 15.06
C LYS C 7 -9.71 -0.68 16.56
N ILE C 8 -10.87 -0.14 16.92
CA ILE C 8 -11.22 0.15 18.31
C ILE C 8 -12.63 -0.37 18.55
N GLN C 9 -12.74 -1.52 19.21
CA GLN C 9 -14.03 -2.10 19.58
C GLN C 9 -14.20 -2.02 21.09
N VAL C 10 -15.24 -1.32 21.54
CA VAL C 10 -15.51 -1.14 22.97
C VAL C 10 -16.65 -2.09 23.32
N TYR C 11 -16.30 -3.18 24.00
CA TYR C 11 -17.29 -4.18 24.37
C TYR C 11 -17.24 -4.49 25.86
N SER C 12 -17.86 -5.59 26.27
CA SER C 12 -17.89 -6.06 27.64
C SER C 12 -17.38 -7.49 27.71
N ARG C 13 -17.35 -8.04 28.92
CA ARG C 13 -16.98 -9.43 29.13
C ARG C 13 -18.18 -10.35 29.27
N HIS C 14 -19.30 -9.83 29.76
CA HIS C 14 -20.54 -10.56 29.89
C HIS C 14 -21.69 -9.63 29.52
N PRO C 15 -22.83 -10.19 29.10
CA PRO C 15 -23.99 -9.35 28.78
C PRO C 15 -24.36 -8.41 29.93
N ALA C 16 -24.32 -7.10 29.66
CA ALA C 16 -24.45 -6.10 30.71
C ALA C 16 -25.88 -5.99 31.20
N GLU C 17 -26.02 -5.82 32.52
CA GLU C 17 -27.31 -5.59 33.16
C GLU C 17 -27.26 -4.26 33.91
N ASN C 18 -28.43 -3.81 34.36
CA ASN C 18 -28.56 -2.57 35.11
C ASN C 18 -28.62 -2.90 36.60
N GLY C 19 -27.68 -2.33 37.36
CA GLY C 19 -27.61 -2.54 38.80
C GLY C 19 -26.43 -3.38 39.25
N LYS C 20 -25.85 -4.18 38.35
CA LYS C 20 -24.73 -5.05 38.68
C LYS C 20 -23.47 -4.52 37.99
N SER C 21 -22.34 -5.17 38.28
CA SER C 21 -21.05 -4.78 37.75
C SER C 21 -20.67 -5.63 36.55
N ASN C 22 -19.73 -5.11 35.76
CA ASN C 22 -19.26 -5.81 34.57
C ASN C 22 -17.92 -5.21 34.15
N PHE C 23 -17.39 -5.72 33.04
CA PHE C 23 -16.13 -5.25 32.47
C PHE C 23 -16.41 -4.34 31.29
N LEU C 24 -15.55 -3.33 31.12
CA LEU C 24 -15.57 -2.45 29.96
C LEU C 24 -14.21 -2.56 29.30
N ASN C 25 -14.19 -3.06 28.05
CA ASN C 25 -12.95 -3.43 27.39
C ASN C 25 -12.85 -2.71 26.05
N CYS C 26 -11.87 -1.84 25.92
CA CYS C 26 -11.59 -1.12 24.68
C CYS C 26 -10.44 -1.86 23.99
N TYR C 27 -10.78 -2.63 22.95
CA TYR C 27 -9.78 -3.39 22.20
C TYR C 27 -9.31 -2.53 21.03
N VAL C 28 -8.07 -2.06 21.10
CA VAL C 28 -7.44 -1.31 20.02
C VAL C 28 -6.38 -2.20 19.40
N SER C 29 -6.24 -2.10 18.08
CA SER C 29 -5.30 -3.00 17.39
C SER C 29 -4.98 -2.45 16.01
N GLY C 30 -3.89 -3.00 15.45
CA GLY C 30 -3.52 -2.76 14.06
C GLY C 30 -3.01 -1.36 13.74
N PHE C 31 -1.82 -1.03 14.23
CA PHE C 31 -1.23 0.28 13.97
C PHE C 31 0.19 0.29 14.54
N HIS C 32 0.90 1.38 14.26
CA HIS C 32 2.20 1.72 14.81
C HIS C 32 2.18 3.18 15.23
N PRO C 33 2.90 3.54 16.30
CA PRO C 33 3.80 2.75 17.12
C PRO C 33 3.11 1.95 18.22
N SER C 34 3.89 1.48 19.20
CA SER C 34 3.33 0.76 20.32
C SER C 34 2.67 1.70 21.32
N ASP C 35 3.31 2.82 21.63
CA ASP C 35 2.75 3.80 22.55
C ASP C 35 1.62 4.56 21.87
N ILE C 36 0.48 4.62 22.54
CA ILE C 36 -0.70 5.31 22.03
C ILE C 36 -1.52 5.79 23.22
N GLU C 37 -2.04 7.02 23.12
CA GLU C 37 -2.73 7.63 24.25
C GLU C 37 -4.16 7.10 24.29
N VAL C 38 -4.36 6.01 25.03
CA VAL C 38 -5.66 5.36 25.14
C VAL C 38 -6.16 5.61 26.56
N ASP C 39 -7.21 6.42 26.68
CA ASP C 39 -7.80 6.77 27.97
C ASP C 39 -9.29 6.44 27.95
N LEU C 40 -9.95 6.67 29.07
CA LEU C 40 -11.38 6.42 29.20
C LEU C 40 -12.07 7.63 29.82
N LEU C 41 -13.33 7.84 29.42
CA LEU C 41 -14.14 8.93 29.93
C LEU C 41 -15.36 8.37 30.64
N LYS C 42 -15.73 9.01 31.74
CA LYS C 42 -17.01 8.78 32.40
C LYS C 42 -17.73 10.13 32.45
N ASN C 43 -18.86 10.22 31.74
CA ASN C 43 -19.61 11.48 31.60
C ASN C 43 -18.73 12.60 31.04
N GLY C 44 -17.78 12.24 30.17
CA GLY C 44 -16.86 13.19 29.60
C GLY C 44 -15.60 13.43 30.41
N GLU C 45 -15.52 12.90 31.64
CA GLU C 45 -14.40 13.14 32.52
C GLU C 45 -13.40 11.99 32.41
N ARG C 46 -12.12 12.33 32.29
CA ARG C 46 -11.05 11.33 32.18
C ARG C 46 -10.98 10.47 33.44
N ILE C 47 -11.35 9.20 33.32
CA ILE C 47 -11.31 8.32 34.48
C ILE C 47 -9.87 7.88 34.73
N GLU C 48 -9.64 7.35 35.93
CA GLU C 48 -8.42 6.61 36.21
C GLU C 48 -8.62 5.17 35.73
N LYS C 49 -7.81 4.26 36.28
CA LYS C 49 -7.90 2.81 36.07
C LYS C 49 -8.20 2.41 34.61
N VAL C 50 -7.14 2.30 33.80
CA VAL C 50 -7.22 1.79 32.43
C VAL C 50 -6.03 0.87 32.20
N GLU C 51 -6.29 -0.40 31.94
CA GLU C 51 -5.23 -1.40 31.76
C GLU C 51 -4.76 -1.43 30.31
N HIS C 52 -3.53 -1.92 30.13
CA HIS C 52 -3.02 -2.29 28.82
C HIS C 52 -2.40 -3.68 28.92
N SER C 53 -2.20 -4.31 27.77
CA SER C 53 -1.69 -5.67 27.73
C SER C 53 -0.18 -5.70 28.00
N ASP C 54 0.34 -6.91 28.13
CA ASP C 54 1.78 -7.12 28.25
C ASP C 54 2.40 -7.30 26.87
N LEU C 55 3.73 -7.24 26.83
CA LEU C 55 4.48 -7.42 25.58
C LEU C 55 4.28 -8.82 25.03
N TYR C 64 -2.70 -1.79 20.26
CA TYR C 64 -2.20 -3.01 19.66
C TYR C 64 -2.99 -4.22 20.16
N LEU C 65 -3.30 -4.24 21.45
CA LEU C 65 -4.09 -5.32 22.03
C LEU C 65 -5.17 -4.69 22.92
N LEU C 66 -5.69 -5.49 23.85
CA LEU C 66 -6.86 -5.11 24.63
C LEU C 66 -6.48 -4.20 25.78
N TYR C 67 -7.31 -3.18 26.00
CA TYR C 67 -7.31 -2.36 27.21
C TYR C 67 -8.62 -2.64 27.94
N TYR C 68 -8.60 -2.60 29.27
CA TYR C 68 -9.79 -3.03 29.98
C TYR C 68 -9.86 -2.38 31.35
N THR C 69 -11.07 -2.43 31.91
CA THR C 69 -11.33 -1.97 33.28
C THR C 69 -12.66 -2.58 33.73
N GLU C 70 -13.04 -2.31 34.96
CA GLU C 70 -14.32 -2.76 35.50
C GLU C 70 -15.16 -1.56 35.91
N PHE C 71 -16.47 -1.77 35.92
CA PHE C 71 -17.40 -0.68 36.24
C PHE C 71 -18.72 -1.29 36.69
N THR C 72 -19.66 -0.42 37.06
CA THR C 72 -21.01 -0.81 37.41
C THR C 72 -21.97 -0.03 36.50
N PRO C 73 -22.42 -0.61 35.39
CA PRO C 73 -23.30 0.12 34.48
C PRO C 73 -24.62 0.48 35.15
N THR C 74 -25.10 1.68 34.85
CA THR C 74 -26.35 2.18 35.40
C THR C 74 -27.19 2.74 34.26
N GLU C 75 -28.12 3.62 34.60
CA GLU C 75 -29.09 4.15 33.64
C GLU C 75 -28.59 5.40 32.92
N LYS C 76 -28.36 6.48 33.67
CA LYS C 76 -28.00 7.76 33.07
C LYS C 76 -26.49 7.95 32.90
N ASP C 77 -25.67 7.22 33.66
CA ASP C 77 -24.23 7.36 33.53
C ASP C 77 -23.77 6.91 32.14
N GLU C 78 -22.69 7.53 31.66
CA GLU C 78 -22.20 7.26 30.31
C GLU C 78 -20.68 7.13 30.34
N TYR C 79 -20.17 6.11 29.66
CA TYR C 79 -18.75 5.87 29.51
C TYR C 79 -18.34 6.05 28.06
N ALA C 80 -17.03 6.11 27.83
CA ALA C 80 -16.50 6.23 26.48
C ALA C 80 -15.02 5.89 26.50
N CYS C 81 -14.49 5.57 25.32
CA CYS C 81 -13.07 5.26 25.15
C CYS C 81 -12.44 6.31 24.25
N ARG C 82 -11.48 7.06 24.80
CA ARG C 82 -10.75 8.06 24.04
C ARG C 82 -9.46 7.45 23.50
N VAL C 83 -9.22 7.63 22.22
CA VAL C 83 -8.03 7.11 21.56
C VAL C 83 -7.30 8.26 20.88
N ASN C 84 -5.99 8.34 21.08
CA ASN C 84 -5.16 9.35 20.44
C ASN C 84 -3.93 8.66 19.88
N HIS C 85 -3.93 8.47 18.57
CA HIS C 85 -2.80 7.94 17.81
C HIS C 85 -2.29 9.04 16.88
N VAL C 86 -1.01 8.93 16.50
CA VAL C 86 -0.36 10.01 15.76
C VAL C 86 -1.02 10.26 14.40
N THR C 87 -1.71 9.26 13.86
CA THR C 87 -2.47 9.50 12.62
C THR C 87 -3.71 10.34 12.89
N LEU C 88 -4.28 10.22 14.09
CA LEU C 88 -5.44 11.02 14.47
C LEU C 88 -5.01 12.46 14.72
N SER C 89 -5.43 13.36 13.83
CA SER C 89 -5.18 14.78 14.06
C SER C 89 -5.82 15.24 15.36
N GLN C 90 -6.99 14.71 15.68
CA GLN C 90 -7.69 14.93 16.93
C GLN C 90 -8.13 13.58 17.48
N PRO C 91 -8.30 13.46 18.79
CA PRO C 91 -8.68 12.17 19.38
C PRO C 91 -10.01 11.66 18.85
N LYS C 92 -10.26 10.39 19.12
CA LYS C 92 -11.48 9.71 18.69
C LYS C 92 -12.19 9.15 19.91
N ILE C 93 -13.48 9.46 20.03
CA ILE C 93 -14.29 9.07 21.18
C ILE C 93 -15.24 7.97 20.73
N VAL C 94 -14.97 6.74 21.15
CA VAL C 94 -15.85 5.62 20.88
C VAL C 94 -16.86 5.51 22.01
N LYS C 95 -18.14 5.42 21.66
CA LYS C 95 -19.22 5.54 22.63
C LYS C 95 -19.46 4.21 23.35
N TRP C 96 -20.10 4.31 24.51
CA TRP C 96 -20.44 3.13 25.29
C TRP C 96 -21.49 2.29 24.56
N ASP C 97 -21.29 0.97 24.58
CA ASP C 97 -22.13 0.05 23.82
C ASP C 97 -22.33 -1.22 24.65
N ARG C 98 -23.60 -1.58 24.87
CA ARG C 98 -23.95 -2.73 25.70
C ARG C 98 -24.35 -3.95 24.89
N ASP C 99 -25.43 -3.84 24.11
CA ASP C 99 -25.95 -4.94 23.30
C ASP C 99 -24.88 -5.58 22.42
#